data_4OGD
#
_entry.id   4OGD
#
_cell.length_a   93.259
_cell.length_b   100.281
_cell.length_c   105.103
_cell.angle_alpha   90.00
_cell.angle_beta   90.00
_cell.angle_gamma   90.00
#
_symmetry.space_group_name_H-M   'P 21 21 21'
#
loop_
_entity.id
_entity.type
_entity.pdbx_description
1 polymer 'Succinate-semialdehyde dehydrogenase'
2 water water
#
_entity_poly.entity_id   1
_entity_poly.type   'polypeptide(L)'
_entity_poly.pdbx_seq_one_letter_code
;MAYQTIYPYTNEVLHTFDNMTDQGLADVLERAHLLYKKWRKEDHLEERKAQLHQVANILRRDRDKYAEIMTKDMGKLFTE
AQGEVDLCADIADYYADKADEFLMSTPLETDSGQAYYLKQSTGVILAVEPWNFPYYQIMRVFAPNFIVGNPMVLKHASIC
PRSAQSFEELVLEAGAEAGSITNLFISYDQVSQVIADKRVVGVCLTGSERGGASIAEEAGKNLKKTTLELGGDDAFIILD
DADWDQLEKVLYFSRLYNAGQVCTSSKRFIVLDKDYDRFKELLTKVFKTAKWGDPMDPETTLAPLSSAQAKADVLDQIKL
ALDHGAELVYGGEAIDHPGHFVMPTIIAGLTKDNPIYYQEIFGPVGEIYKVSSEEEAIEVANDSNYGLGGTIFSSNQEHA
KAVAAKIETGMSFINSGWTSLPELPFGGIKHSGYGRELSELGFTSFVNEHLIYIPNKTNNSNTKV
;
_entity_poly.pdbx_strand_id   A,B
#
# COMPACT_ATOMS: atom_id res chain seq x y z
N ALA A 2 27.07 -11.73 -10.04
CA ALA A 2 28.11 -10.69 -10.14
C ALA A 2 27.55 -9.41 -10.76
N TYR A 3 28.09 -8.27 -10.33
CA TYR A 3 27.72 -7.01 -10.95
C TYR A 3 28.74 -6.64 -12.02
N GLN A 4 28.30 -6.70 -13.29
CA GLN A 4 29.19 -6.48 -14.42
C GLN A 4 28.50 -5.66 -15.49
N THR A 5 29.22 -4.72 -16.09
CA THR A 5 28.76 -4.12 -17.33
C THR A 5 29.26 -5.00 -18.47
N ILE A 6 28.33 -5.63 -19.18
CA ILE A 6 28.66 -6.36 -20.40
C ILE A 6 27.82 -5.80 -21.54
N TYR A 7 28.49 -5.15 -22.49
CA TYR A 7 27.82 -4.46 -23.58
C TYR A 7 27.01 -5.45 -24.43
N PRO A 8 25.68 -5.27 -24.48
CA PRO A 8 24.86 -6.22 -25.25
C PRO A 8 25.11 -6.22 -26.76
N TYR A 9 25.82 -5.23 -27.29
CA TYR A 9 26.07 -5.20 -28.73
C TYR A 9 27.27 -6.07 -29.11
N THR A 10 28.23 -6.17 -28.20
CA THR A 10 29.48 -6.89 -28.47
C THR A 10 29.68 -8.08 -27.54
N ASN A 11 28.84 -8.17 -26.51
CA ASN A 11 28.94 -9.19 -25.48
C ASN A 11 30.28 -9.14 -24.75
N GLU A 12 30.81 -7.94 -24.61
CA GLU A 12 32.12 -7.75 -24.00
C GLU A 12 32.09 -6.98 -22.67
N VAL A 13 32.95 -7.40 -21.74
CA VAL A 13 33.01 -6.82 -20.40
C VAL A 13 33.63 -5.41 -20.39
N LEU A 14 32.89 -4.45 -19.86
CA LEU A 14 33.39 -3.07 -19.79
C LEU A 14 33.76 -2.66 -18.37
N HIS A 15 32.99 -3.13 -17.40
CA HIS A 15 33.23 -2.80 -15.99
C HIS A 15 32.94 -4.01 -15.11
N THR A 16 33.68 -4.12 -14.02
CA THR A 16 33.33 -5.08 -12.97
C THR A 16 33.39 -4.37 -11.63
N PHE A 17 32.41 -4.64 -10.77
CA PHE A 17 32.28 -3.91 -9.52
C PHE A 17 32.39 -4.85 -8.34
N ASP A 18 32.94 -4.36 -7.24
CA ASP A 18 33.08 -5.16 -6.04
C ASP A 18 31.78 -5.14 -5.25
N ASN A 19 31.47 -6.26 -4.62
CA ASN A 19 30.28 -6.34 -3.78
C ASN A 19 30.49 -5.59 -2.47
N MET A 20 29.41 -5.01 -1.97
CA MET A 20 29.41 -4.34 -0.68
C MET A 20 29.47 -5.36 0.47
N THR A 21 30.32 -5.10 1.46
CA THR A 21 30.42 -6.01 2.60
C THR A 21 29.27 -5.79 3.58
N ASP A 22 29.05 -6.76 4.46
CA ASP A 22 28.03 -6.62 5.50
C ASP A 22 28.26 -5.37 6.34
N GLN A 23 29.52 -5.10 6.72
CA GLN A 23 29.79 -3.91 7.50
C GLN A 23 29.56 -2.63 6.71
N GLY A 24 29.96 -2.63 5.43
CA GLY A 24 29.69 -1.49 4.56
C GLY A 24 28.20 -1.21 4.49
N LEU A 25 27.42 -2.28 4.39
CA LEU A 25 25.96 -2.15 4.32
C LEU A 25 25.38 -1.59 5.62
N ALA A 26 25.84 -2.11 6.75
CA ALA A 26 25.39 -1.58 8.05
C ALA A 26 25.72 -0.10 8.16
N ASP A 27 26.94 0.27 7.75
CA ASP A 27 27.35 1.66 7.80
C ASP A 27 26.44 2.56 6.96
N VAL A 28 26.09 2.09 5.76
CA VAL A 28 25.18 2.82 4.89
C VAL A 28 23.79 2.99 5.49
N LEU A 29 23.25 1.93 6.10
CA LEU A 29 21.93 2.05 6.72
C LEU A 29 21.94 3.02 7.89
N GLU A 30 23.00 3.00 8.70
CA GLU A 30 23.09 3.92 9.81
C GLU A 30 23.17 5.36 9.33
N ARG A 31 24.00 5.60 8.31
CA ARG A 31 24.14 6.94 7.74
C ARG A 31 22.80 7.43 7.22
N ALA A 32 22.06 6.54 6.57
CA ALA A 32 20.77 6.90 6.00
C ALA A 32 19.75 7.21 7.10
N HIS A 33 19.76 6.41 8.17
CA HIS A 33 18.85 6.63 9.29
C HIS A 33 19.15 7.97 9.97
N LEU A 34 20.43 8.25 10.17
CA LEU A 34 20.81 9.52 10.79
C LEU A 34 20.40 10.71 9.93
N LEU A 35 20.46 10.54 8.61
CA LEU A 35 20.05 11.60 7.70
C LEU A 35 18.53 11.80 7.76
N TYR A 36 17.80 10.70 7.85
CA TYR A 36 16.36 10.78 8.06
C TYR A 36 16.06 11.61 9.32
N LYS A 37 16.76 11.29 10.41
CA LYS A 37 16.53 11.99 11.68
C LYS A 37 16.91 13.48 11.60
N LYS A 38 18.03 13.76 10.92
CA LYS A 38 18.45 15.14 10.71
C LYS A 38 17.40 15.96 9.97
N TRP A 39 16.84 15.37 8.92
CA TRP A 39 15.85 16.08 8.11
C TRP A 39 14.51 16.22 8.85
N ARG A 40 14.27 15.36 9.83
CA ARG A 40 13.10 15.52 10.70
C ARG A 40 13.30 16.62 11.74
N LYS A 41 14.52 16.70 12.26
CA LYS A 41 14.86 17.64 13.33
C LYS A 41 15.11 19.06 12.84
N GLU A 42 15.73 19.18 11.66
CA GLU A 42 16.06 20.48 11.07
C GLU A 42 15.39 20.61 9.71
N ASP A 43 14.93 21.81 9.38
CA ASP A 43 14.28 22.08 8.10
C ASP A 43 15.31 22.27 6.98
N HIS A 44 15.40 21.28 6.10
CA HIS A 44 16.35 21.31 4.99
C HIS A 44 15.63 21.18 3.66
N LEU A 45 14.32 21.42 3.67
CA LEU A 45 13.51 21.28 2.45
C LEU A 45 14.00 22.14 1.29
N GLU A 46 14.26 23.43 1.54
CA GLU A 46 14.73 24.30 0.45
C GLU A 46 16.05 23.81 -0.15
N GLU A 47 16.95 23.30 0.69
CA GLU A 47 18.20 22.73 0.20
C GLU A 47 17.92 21.53 -0.70
N ARG A 48 17.03 20.65 -0.27
CA ARG A 48 16.73 19.48 -1.08
C ARG A 48 16.06 19.87 -2.40
N LYS A 49 15.20 20.88 -2.37
CA LYS A 49 14.58 21.35 -3.61
C LYS A 49 15.65 21.85 -4.58
N ALA A 50 16.58 22.65 -4.07
CA ALA A 50 17.65 23.17 -4.91
C ALA A 50 18.55 22.06 -5.43
N GLN A 51 18.85 21.10 -4.57
CA GLN A 51 19.69 19.98 -4.95
C GLN A 51 19.03 19.12 -6.04
N LEU A 52 17.72 18.91 -5.93
CA LEU A 52 17.00 18.15 -6.96
C LEU A 52 16.96 18.88 -8.30
N HIS A 53 16.77 20.20 -8.27
CA HIS A 53 16.93 20.98 -9.48
C HIS A 53 18.34 20.84 -10.06
N GLN A 54 19.35 20.74 -9.19
CA GLN A 54 20.73 20.63 -9.66
C GLN A 54 20.99 19.26 -10.27
N VAL A 55 20.30 18.24 -9.75
CA VAL A 55 20.36 16.93 -10.36
C VAL A 55 19.89 17.02 -11.82
N ALA A 56 18.76 17.68 -12.02
CA ALA A 56 18.23 17.92 -13.36
C ALA A 56 19.22 18.70 -14.21
N ASN A 57 19.83 19.72 -13.61
CA ASN A 57 20.81 20.55 -14.30
C ASN A 57 22.03 19.77 -14.79
N ILE A 58 22.55 18.90 -13.93
CA ILE A 58 23.70 18.08 -14.32
C ILE A 58 23.32 17.04 -15.36
N LEU A 59 22.11 16.50 -15.26
CA LEU A 59 21.60 15.60 -16.30
C LEU A 59 21.53 16.30 -17.66
N ARG A 60 21.08 17.55 -17.67
CA ARG A 60 21.06 18.35 -18.90
C ARG A 60 22.48 18.53 -19.44
N ARG A 61 23.38 18.96 -18.57
CA ARG A 61 24.77 19.24 -18.94
C ARG A 61 25.48 18.01 -19.50
N ASP A 62 25.26 16.88 -18.84
CA ASP A 62 25.99 15.66 -19.16
C ASP A 62 25.10 14.60 -19.78
N ARG A 63 24.08 15.03 -20.51
CA ARG A 63 23.06 14.09 -21.01
C ARG A 63 23.65 12.94 -21.80
N ASP A 64 24.55 13.25 -22.72
CA ASP A 64 25.10 12.20 -23.55
C ASP A 64 25.96 11.21 -22.76
N LYS A 65 26.62 11.70 -21.70
CA LYS A 65 27.37 10.82 -20.81
C LYS A 65 26.44 9.80 -20.16
N TYR A 66 25.33 10.27 -19.61
CA TYR A 66 24.40 9.36 -18.93
C TYR A 66 23.68 8.45 -19.92
N ALA A 67 23.33 8.99 -21.09
CA ALA A 67 22.71 8.19 -22.14
C ALA A 67 23.63 7.04 -22.55
N GLU A 68 24.91 7.33 -22.77
CA GLU A 68 25.84 6.28 -23.19
C GLU A 68 26.04 5.21 -22.10
N ILE A 69 26.04 5.63 -20.84
CA ILE A 69 26.18 4.69 -19.73
C ILE A 69 25.05 3.66 -19.80
N MET A 70 23.84 4.12 -20.10
CA MET A 70 22.71 3.21 -20.19
C MET A 70 22.81 2.28 -21.40
N THR A 71 23.19 2.82 -22.54
CA THR A 71 23.39 2.01 -23.75
C THR A 71 24.46 0.93 -23.54
N LYS A 72 25.59 1.32 -22.96
CA LYS A 72 26.66 0.37 -22.71
C LYS A 72 26.31 -0.70 -21.66
N ASP A 73 25.43 -0.37 -20.72
CA ASP A 73 24.98 -1.34 -19.71
C ASP A 73 24.00 -2.36 -20.29
N MET A 74 22.93 -1.86 -20.91
CA MET A 74 21.82 -2.74 -21.23
C MET A 74 21.38 -2.74 -22.69
N GLY A 75 22.09 -1.99 -23.53
CA GLY A 75 21.94 -2.12 -24.98
C GLY A 75 20.99 -1.20 -25.71
N LYS A 76 20.21 -0.39 -25.01
CA LYS A 76 19.18 0.38 -25.69
C LYS A 76 19.77 1.42 -26.62
N LEU A 77 19.00 1.78 -27.65
CA LEU A 77 19.41 2.82 -28.59
C LEU A 77 19.85 4.07 -27.83
N PHE A 78 20.97 4.64 -28.23
CA PHE A 78 21.48 5.86 -27.62
C PHE A 78 20.43 6.98 -27.64
N THR A 79 19.68 7.06 -28.73
CA THR A 79 18.64 8.09 -28.85
C THR A 79 17.53 7.87 -27.81
N GLU A 80 17.18 6.61 -27.57
CA GLU A 80 16.18 6.29 -26.55
C GLU A 80 16.72 6.64 -25.17
N ALA A 81 18.00 6.38 -24.95
CA ALA A 81 18.63 6.71 -23.67
C ALA A 81 18.67 8.22 -23.45
N GLN A 82 18.89 8.99 -24.51
CA GLN A 82 18.85 10.44 -24.41
C GLN A 82 17.46 10.89 -23.98
N GLY A 83 16.43 10.30 -24.58
CA GLY A 83 15.07 10.60 -24.20
C GLY A 83 14.81 10.24 -22.76
N GLU A 84 15.38 9.13 -22.31
CA GLU A 84 15.19 8.73 -20.91
C GLU A 84 15.79 9.76 -19.96
N VAL A 85 16.98 10.26 -20.30
CA VAL A 85 17.57 11.34 -19.52
C VAL A 85 16.64 12.55 -19.51
N ASP A 86 16.11 12.92 -20.68
CA ASP A 86 15.22 14.08 -20.78
C ASP A 86 14.04 13.97 -19.82
N LEU A 87 13.45 12.78 -19.75
CA LEU A 87 12.30 12.56 -18.87
C LEU A 87 12.71 12.62 -17.40
N CYS A 88 13.90 12.11 -17.09
CA CYS A 88 14.42 12.18 -15.72
C CYS A 88 14.59 13.62 -15.28
N ALA A 89 15.11 14.45 -16.19
CA ALA A 89 15.28 15.87 -15.93
C ALA A 89 13.93 16.46 -15.53
N ASP A 90 12.89 16.16 -16.31
CA ASP A 90 11.56 16.69 -16.05
C ASP A 90 10.94 16.20 -14.73
N ILE A 91 11.17 14.94 -14.41
CA ILE A 91 10.65 14.38 -13.15
C ILE A 91 11.27 15.07 -11.92
N ALA A 92 12.59 15.27 -11.95
CA ALA A 92 13.32 15.94 -10.88
C ALA A 92 12.81 17.38 -10.72
N ASP A 93 12.73 18.10 -11.84
CA ASP A 93 12.24 19.48 -11.76
C ASP A 93 10.80 19.52 -11.27
N TYR A 94 9.97 18.57 -11.73
CA TYR A 94 8.57 18.49 -11.30
C TYR A 94 8.44 18.40 -9.78
N TYR A 95 9.12 17.43 -9.16
CA TYR A 95 8.93 17.24 -7.73
C TYR A 95 9.56 18.38 -6.90
N ALA A 96 10.64 18.96 -7.40
CA ALA A 96 11.18 20.15 -6.75
C ALA A 96 10.21 21.32 -6.84
N ASP A 97 9.57 21.49 -8.00
CA ASP A 97 8.62 22.58 -8.20
C ASP A 97 7.34 22.39 -7.40
N LYS A 98 6.91 21.13 -7.28
CA LYS A 98 5.65 20.82 -6.62
C LYS A 98 5.79 20.60 -5.13
N ALA A 99 7.02 20.64 -4.63
CA ALA A 99 7.30 20.30 -3.23
C ALA A 99 6.39 20.99 -2.22
N ASP A 100 6.31 22.32 -2.28
CA ASP A 100 5.53 23.06 -1.29
C ASP A 100 4.04 22.67 -1.33
N GLU A 101 3.48 22.58 -2.54
CA GLU A 101 2.09 22.21 -2.70
C GLU A 101 1.82 20.79 -2.20
N PHE A 102 2.73 19.88 -2.52
CA PHE A 102 2.53 18.47 -2.18
C PHE A 102 2.76 18.18 -0.70
N LEU A 103 3.49 19.06 -0.02
CA LEU A 103 3.80 18.88 1.40
C LEU A 103 2.89 19.68 2.34
N MET A 104 2.02 20.50 1.76
CA MET A 104 1.13 21.33 2.56
C MET A 104 0.24 20.51 3.49
N SER A 105 -0.01 21.03 4.69
CA SER A 105 -0.97 20.43 5.60
C SER A 105 -2.33 20.35 4.93
N THR A 106 -3.12 19.33 5.31
CA THR A 106 -4.45 19.14 4.74
C THR A 106 -5.53 19.27 5.80
N PRO A 107 -6.30 20.37 5.74
CA PRO A 107 -7.41 20.52 6.69
C PRO A 107 -8.48 19.46 6.46
N LEU A 108 -9.11 19.04 7.56
CA LEU A 108 -10.17 18.05 7.52
C LEU A 108 -11.46 18.67 8.04
N GLU A 109 -12.51 18.51 7.25
CA GLU A 109 -13.82 19.07 7.57
C GLU A 109 -14.50 18.26 8.68
N THR A 110 -14.72 18.92 9.82
CA THR A 110 -15.38 18.28 10.95
C THR A 110 -16.00 19.35 11.83
N ASP A 111 -17.22 19.10 12.32
CA ASP A 111 -17.83 20.04 13.25
C ASP A 111 -17.60 19.63 14.71
N SER A 112 -16.74 18.64 14.89
CA SER A 112 -16.45 18.12 16.23
C SER A 112 -15.21 18.77 16.85
N GLY A 113 -14.46 19.53 16.05
CA GLY A 113 -13.25 20.18 16.53
C GLY A 113 -12.38 20.68 15.40
N GLN A 114 -11.08 20.81 15.65
CA GLN A 114 -10.12 21.24 14.62
C GLN A 114 -9.31 20.02 14.22
N ALA A 115 -9.21 19.75 12.92
CA ALA A 115 -8.50 18.57 12.43
C ALA A 115 -7.73 18.87 11.15
N TYR A 116 -6.55 18.28 11.04
CA TYR A 116 -5.78 18.31 9.80
C TYR A 116 -4.82 17.14 9.79
N TYR A 117 -4.19 16.87 8.66
CA TYR A 117 -3.09 15.91 8.69
C TYR A 117 -1.87 16.44 7.99
N LEU A 118 -0.72 16.08 8.54
CA LEU A 118 0.56 16.45 7.97
C LEU A 118 1.03 15.34 7.04
N LYS A 119 1.95 15.67 6.14
CA LYS A 119 2.58 14.66 5.31
C LYS A 119 4.05 14.64 5.67
N GLN A 120 4.46 13.60 6.38
CA GLN A 120 5.79 13.58 6.97
C GLN A 120 6.63 12.43 6.45
N SER A 121 7.95 12.59 6.51
CA SER A 121 8.85 11.50 6.17
C SER A 121 8.69 10.37 7.17
N THR A 122 9.12 9.18 6.77
CA THR A 122 9.04 8.01 7.63
C THR A 122 10.38 7.34 7.93
N GLY A 123 11.32 7.42 6.99
CA GLY A 123 12.60 6.75 7.19
C GLY A 123 13.32 6.37 5.92
N VAL A 124 14.11 5.30 5.99
CA VAL A 124 14.91 4.85 4.84
C VAL A 124 14.06 3.95 3.93
N ILE A 125 14.09 4.25 2.64
CA ILE A 125 13.32 3.47 1.67
C ILE A 125 14.27 2.64 0.82
N LEU A 126 14.00 1.33 0.71
CA LEU A 126 14.70 0.48 -0.25
C LEU A 126 13.99 0.51 -1.59
N ALA A 127 14.72 0.92 -2.62
CA ALA A 127 14.22 0.86 -3.99
C ALA A 127 14.90 -0.29 -4.71
N VAL A 128 14.10 -1.16 -5.32
CA VAL A 128 14.63 -2.26 -6.12
C VAL A 128 14.20 -1.97 -7.55
N GLU A 129 15.17 -1.70 -8.43
CA GLU A 129 14.88 -1.20 -9.77
C GLU A 129 15.51 -2.08 -10.86
N PRO A 130 14.92 -2.05 -12.07
CA PRO A 130 15.28 -3.00 -13.12
C PRO A 130 16.08 -2.37 -14.26
N TRP A 131 16.60 -3.22 -15.15
CA TRP A 131 17.50 -2.77 -16.21
C TRP A 131 16.85 -2.09 -17.41
N ASN A 132 15.54 -2.22 -17.59
CA ASN A 132 14.98 -1.74 -18.85
C ASN A 132 14.91 -0.21 -19.02
N PHE A 133 14.76 0.50 -17.89
CA PHE A 133 14.87 1.95 -17.87
C PHE A 133 15.70 2.30 -16.63
N PRO A 134 17.02 2.15 -16.73
CA PRO A 134 17.93 2.18 -15.57
C PRO A 134 17.91 3.50 -14.80
N TYR A 135 17.61 4.61 -15.48
CA TYR A 135 17.57 5.90 -14.81
C TYR A 135 16.15 6.34 -14.44
N TYR A 136 15.24 6.25 -15.40
CA TYR A 136 13.84 6.64 -15.20
C TYR A 136 13.19 5.90 -14.04
N GLN A 137 13.45 4.59 -13.91
CA GLN A 137 12.83 3.86 -12.81
C GLN A 137 13.41 4.28 -11.45
N ILE A 138 14.66 4.73 -11.40
CA ILE A 138 15.17 5.30 -10.16
C ILE A 138 14.54 6.65 -9.88
N MET A 139 14.53 7.51 -10.89
CA MET A 139 14.08 8.88 -10.69
C MET A 139 12.62 8.95 -10.24
N ARG A 140 11.80 8.02 -10.72
CA ARG A 140 10.39 7.99 -10.36
C ARG A 140 10.19 7.89 -8.86
N VAL A 141 11.10 7.22 -8.17
CA VAL A 141 10.98 7.07 -6.73
C VAL A 141 11.96 7.92 -5.94
N PHE A 142 13.16 8.18 -6.48
CA PHE A 142 14.09 9.03 -5.77
C PHE A 142 13.55 10.46 -5.61
N ALA A 143 13.03 11.04 -6.70
CA ALA A 143 12.60 12.45 -6.66
C ALA A 143 11.57 12.72 -5.55
N PRO A 144 10.46 11.96 -5.51
CA PRO A 144 9.50 12.28 -4.44
C PRO A 144 9.98 11.93 -3.03
N ASN A 145 10.70 10.82 -2.87
CA ASN A 145 11.19 10.48 -1.55
C ASN A 145 12.24 11.46 -1.03
N PHE A 146 13.11 11.93 -1.92
CA PHE A 146 14.12 12.90 -1.54
C PHE A 146 13.45 14.19 -1.06
N ILE A 147 12.42 14.62 -1.79
CA ILE A 147 11.69 15.82 -1.40
C ILE A 147 11.04 15.72 0.00
N VAL A 148 10.33 14.62 0.28
CA VAL A 148 9.70 14.49 1.60
C VAL A 148 10.74 14.30 2.72
N GLY A 149 11.90 13.76 2.36
CA GLY A 149 12.95 13.52 3.33
C GLY A 149 13.15 12.07 3.76
N ASN A 150 12.83 11.14 2.86
CA ASN A 150 13.15 9.72 3.08
C ASN A 150 14.43 9.39 2.35
N PRO A 151 15.55 9.19 3.07
CA PRO A 151 16.77 8.74 2.40
C PRO A 151 16.51 7.39 1.70
N MET A 152 17.24 7.11 0.62
CA MET A 152 16.98 5.92 -0.18
C MET A 152 18.22 5.05 -0.29
N VAL A 153 18.02 3.74 -0.28
CA VAL A 153 19.08 2.81 -0.66
C VAL A 153 18.56 2.03 -1.86
N LEU A 154 19.46 1.79 -2.81
CA LEU A 154 19.08 1.26 -4.13
C LEU A 154 19.71 -0.08 -4.42
N LYS A 155 18.88 -1.07 -4.72
CA LYS A 155 19.38 -2.31 -5.27
C LYS A 155 18.95 -2.35 -6.74
N HIS A 156 19.92 -2.24 -7.63
CA HIS A 156 19.65 -2.20 -9.07
C HIS A 156 19.93 -3.55 -9.71
N ALA A 157 19.56 -3.69 -10.98
CA ALA A 157 19.78 -4.92 -11.74
C ALA A 157 21.27 -5.24 -11.84
N SER A 158 21.58 -6.53 -11.83
CA SER A 158 22.97 -6.98 -11.91
C SER A 158 23.67 -6.51 -13.17
N ILE A 159 22.89 -6.31 -14.24
CA ILE A 159 23.48 -5.93 -15.52
C ILE A 159 23.59 -4.43 -15.78
N CYS A 160 23.09 -3.60 -14.85
CA CYS A 160 23.32 -2.17 -15.02
C CYS A 160 24.02 -1.51 -13.83
N PRO A 161 25.19 -2.04 -13.46
CA PRO A 161 25.86 -1.51 -12.27
C PRO A 161 26.48 -0.13 -12.50
N ARG A 162 26.89 0.20 -13.73
CA ARG A 162 27.43 1.55 -13.95
C ARG A 162 26.31 2.59 -13.89
N SER A 163 25.14 2.25 -14.41
CA SER A 163 23.98 3.14 -14.28
C SER A 163 23.70 3.41 -12.81
N ALA A 164 23.71 2.34 -12.00
CA ALA A 164 23.38 2.45 -10.59
C ALA A 164 24.42 3.26 -9.84
N GLN A 165 25.69 2.96 -10.09
CA GLN A 165 26.76 3.67 -9.42
C GLN A 165 26.79 5.15 -9.79
N SER A 166 26.63 5.43 -11.09
CA SER A 166 26.67 6.81 -11.56
C SER A 166 25.48 7.63 -11.06
N PHE A 167 24.36 6.97 -10.74
CA PHE A 167 23.22 7.71 -10.23
C PHE A 167 23.53 8.27 -8.84
N GLU A 168 24.10 7.43 -7.99
CA GLU A 168 24.59 7.89 -6.69
C GLU A 168 25.60 9.03 -6.87
N GLU A 169 26.52 8.87 -7.81
CA GLU A 169 27.55 9.90 -8.05
C GLU A 169 26.92 11.22 -8.50
N LEU A 170 25.89 11.12 -9.34
CA LEU A 170 25.14 12.28 -9.82
C LEU A 170 24.53 13.07 -8.66
N VAL A 171 23.89 12.36 -7.75
CA VAL A 171 23.18 13.01 -6.63
C VAL A 171 24.17 13.69 -5.68
N LEU A 172 25.31 13.03 -5.44
CA LEU A 172 26.37 13.64 -4.65
C LEU A 172 26.95 14.87 -5.37
N GLU A 173 27.16 14.74 -6.68
CA GLU A 173 27.67 15.87 -7.47
C GLU A 173 26.75 17.08 -7.39
N ALA A 174 25.45 16.83 -7.30
CA ALA A 174 24.44 17.89 -7.22
C ALA A 174 24.41 18.58 -5.86
N GLY A 175 25.19 18.06 -4.90
CA GLY A 175 25.31 18.70 -3.61
C GLY A 175 24.48 18.10 -2.49
N ALA A 176 23.76 17.02 -2.79
CA ALA A 176 22.93 16.36 -1.79
C ALA A 176 23.83 15.71 -0.75
N GLU A 177 23.39 15.68 0.50
CA GLU A 177 24.19 15.09 1.56
C GLU A 177 24.36 13.60 1.30
N ALA A 178 25.56 13.09 1.62
CA ALA A 178 25.81 11.65 1.55
C ALA A 178 24.73 10.89 2.31
N GLY A 179 24.16 9.90 1.64
CA GLY A 179 23.08 9.12 2.24
C GLY A 179 21.74 9.43 1.60
N SER A 180 21.64 10.52 0.84
CA SER A 180 20.37 10.85 0.17
C SER A 180 19.93 9.69 -0.73
N ILE A 181 20.87 9.16 -1.48
CA ILE A 181 20.69 7.86 -2.12
C ILE A 181 22.03 7.12 -2.13
N THR A 182 22.00 5.82 -1.85
CA THR A 182 23.22 5.03 -1.90
C THR A 182 22.97 3.76 -2.67
N ASN A 183 23.81 3.51 -3.67
CA ASN A 183 23.72 2.28 -4.41
C ASN A 183 24.26 1.10 -3.59
N LEU A 184 23.57 -0.04 -3.65
CA LEU A 184 24.01 -1.22 -2.91
C LEU A 184 24.35 -2.38 -3.85
N PHE A 185 25.64 -2.66 -4.05
CA PHE A 185 26.03 -3.83 -4.82
C PHE A 185 25.96 -5.03 -3.87
N ILE A 186 24.75 -5.53 -3.64
CA ILE A 186 24.53 -6.57 -2.64
C ILE A 186 23.86 -7.84 -3.16
N SER A 187 23.94 -8.90 -2.38
CA SER A 187 23.34 -10.18 -2.72
C SER A 187 21.89 -10.19 -2.31
N TYR A 188 21.14 -11.18 -2.78
CA TYR A 188 19.74 -11.31 -2.41
C TYR A 188 19.59 -11.52 -0.91
N ASP A 189 20.55 -12.22 -0.31
CA ASP A 189 20.49 -12.45 1.13
C ASP A 189 20.67 -11.14 1.89
N GLN A 190 21.53 -10.27 1.38
CA GLN A 190 21.72 -8.96 1.97
C GLN A 190 20.46 -8.11 1.79
N VAL A 191 19.79 -8.28 0.65
CA VAL A 191 18.53 -7.57 0.42
C VAL A 191 17.53 -7.94 1.50
N SER A 192 17.44 -9.23 1.83
CA SER A 192 16.54 -9.68 2.88
C SER A 192 16.83 -9.02 4.22
N GLN A 193 18.12 -8.87 4.52
CA GLN A 193 18.55 -8.19 5.74
C GLN A 193 18.14 -6.73 5.74
N VAL A 194 18.25 -6.08 4.59
CA VAL A 194 17.85 -4.68 4.46
C VAL A 194 16.36 -4.54 4.77
N ILE A 195 15.55 -5.44 4.21
CA ILE A 195 14.10 -5.39 4.40
C ILE A 195 13.72 -5.62 5.86
N ALA A 196 14.50 -6.45 6.56
CA ALA A 196 14.21 -6.76 7.95
C ALA A 196 14.79 -5.72 8.92
N ASP A 197 15.54 -4.76 8.40
CA ASP A 197 16.20 -3.79 9.26
C ASP A 197 15.19 -2.73 9.69
N LYS A 198 15.14 -2.41 10.97
CA LYS A 198 14.13 -1.48 11.46
C LYS A 198 14.31 -0.04 10.99
N ARG A 199 15.49 0.28 10.45
CA ARG A 199 15.72 1.62 9.91
C ARG A 199 15.05 1.77 8.56
N VAL A 200 14.77 0.64 7.92
CA VAL A 200 14.11 0.62 6.62
C VAL A 200 12.59 0.52 6.80
N VAL A 201 11.86 1.44 6.17
CA VAL A 201 10.44 1.60 6.49
C VAL A 201 9.51 1.41 5.29
N GLY A 202 10.07 0.99 4.17
CA GLY A 202 9.27 0.81 2.98
C GLY A 202 10.12 0.26 1.87
N VAL A 203 9.49 -0.47 0.95
CA VAL A 203 10.19 -1.01 -0.20
C VAL A 203 9.37 -0.69 -1.46
N CYS A 204 10.00 -0.04 -2.43
CA CYS A 204 9.35 0.16 -3.73
C CYS A 204 10.11 -0.65 -4.76
N LEU A 205 9.39 -1.46 -5.53
CA LEU A 205 10.02 -2.28 -6.54
C LEU A 205 9.40 -2.07 -7.89
N THR A 206 10.25 -2.01 -8.90
CA THR A 206 9.85 -2.09 -10.29
C THR A 206 10.62 -3.25 -10.88
N GLY A 207 9.92 -4.16 -11.56
CA GLY A 207 10.60 -5.30 -12.14
C GLY A 207 9.63 -6.41 -12.50
N SER A 208 10.09 -7.64 -12.36
CA SER A 208 9.30 -8.80 -12.78
C SER A 208 8.43 -9.28 -11.65
N GLU A 209 7.39 -10.03 -11.99
CA GLU A 209 6.50 -10.47 -10.93
C GLU A 209 7.11 -11.52 -10.02
N ARG A 210 8.12 -12.25 -10.50
CA ARG A 210 8.83 -13.17 -9.61
C ARG A 210 9.66 -12.40 -8.58
N GLY A 211 10.37 -11.37 -9.03
CA GLY A 211 11.12 -10.53 -8.11
C GLY A 211 10.18 -9.81 -7.16
N GLY A 212 9.07 -9.33 -7.71
CA GLY A 212 8.07 -8.65 -6.93
C GLY A 212 7.50 -9.53 -5.82
N ALA A 213 7.16 -10.76 -6.16
CA ALA A 213 6.61 -11.66 -5.15
C ALA A 213 7.62 -11.97 -4.06
N SER A 214 8.88 -12.20 -4.45
CA SER A 214 9.93 -12.48 -3.49
C SER A 214 10.13 -11.33 -2.50
N ILE A 215 10.20 -10.13 -3.04
CA ILE A 215 10.43 -8.94 -2.23
C ILE A 215 9.20 -8.60 -1.37
N ALA A 216 8.00 -8.73 -1.94
CA ALA A 216 6.79 -8.38 -1.20
C ALA A 216 6.54 -9.38 -0.09
N GLU A 217 6.88 -10.64 -0.32
CA GLU A 217 6.77 -11.66 0.71
C GLU A 217 7.66 -11.33 1.91
N GLU A 218 8.92 -10.94 1.63
CA GLU A 218 9.87 -10.58 2.68
C GLU A 218 9.44 -9.30 3.40
N ALA A 219 8.92 -8.33 2.63
CA ALA A 219 8.43 -7.10 3.24
C ALA A 219 7.25 -7.37 4.18
N GLY A 220 6.32 -8.23 3.75
CA GLY A 220 5.17 -8.53 4.58
C GLY A 220 5.58 -9.20 5.88
N LYS A 221 6.53 -10.13 5.79
CA LYS A 221 7.07 -10.81 6.98
C LYS A 221 7.55 -9.79 8.01
N ASN A 222 8.03 -8.65 7.52
CA ASN A 222 8.64 -7.62 8.35
C ASN A 222 7.77 -6.38 8.52
N LEU A 223 6.50 -6.48 8.12
CA LEU A 223 5.52 -5.42 8.27
C LEU A 223 5.91 -4.15 7.51
N LYS A 224 6.64 -4.31 6.40
CA LYS A 224 7.05 -3.15 5.60
C LYS A 224 6.08 -2.88 4.44
N LYS A 225 5.66 -1.63 4.30
CA LYS A 225 4.81 -1.20 3.19
C LYS A 225 5.55 -1.35 1.87
N THR A 226 4.82 -1.74 0.82
CA THR A 226 5.41 -1.84 -0.52
C THR A 226 4.57 -1.13 -1.57
N THR A 227 5.23 -0.77 -2.66
CA THR A 227 4.56 -0.55 -3.94
C THR A 227 5.23 -1.47 -4.94
N LEU A 228 4.46 -1.98 -5.90
CA LEU A 228 4.99 -2.89 -6.91
C LEU A 228 4.60 -2.41 -8.30
N GLU A 229 5.61 -2.20 -9.14
CA GLU A 229 5.41 -1.83 -10.54
C GLU A 229 5.97 -2.96 -11.37
N LEU A 230 5.09 -3.80 -11.90
CA LEU A 230 5.52 -5.04 -12.53
C LEU A 230 5.27 -5.05 -14.04
N GLY A 231 5.22 -6.25 -14.61
CA GLY A 231 5.11 -6.37 -16.05
C GLY A 231 3.70 -6.14 -16.54
N GLY A 232 3.52 -6.22 -17.85
CA GLY A 232 2.20 -6.08 -18.43
C GLY A 232 2.05 -6.93 -19.67
N ASP A 233 0.82 -7.10 -20.13
CA ASP A 233 0.56 -7.75 -21.41
C ASP A 233 -0.51 -6.92 -22.08
N ASP A 234 -0.18 -5.65 -22.32
CA ASP A 234 -1.16 -4.63 -22.63
C ASP A 234 -1.91 -4.91 -23.92
N ALA A 235 -3.23 -4.72 -23.87
CA ALA A 235 -4.05 -4.85 -25.07
C ALA A 235 -4.15 -3.52 -25.81
N PHE A 236 -3.81 -3.55 -27.10
CA PHE A 236 -3.90 -2.41 -28.01
C PHE A 236 -5.11 -2.77 -28.87
N ILE A 237 -6.24 -2.12 -28.60
CA ILE A 237 -7.53 -2.52 -29.17
C ILE A 237 -7.94 -1.59 -30.31
N ILE A 238 -8.07 -2.16 -31.50
CA ILE A 238 -8.42 -1.39 -32.70
C ILE A 238 -9.92 -1.47 -32.94
N LEU A 239 -10.62 -0.38 -32.63
CA LEU A 239 -12.08 -0.36 -32.76
C LEU A 239 -12.53 -0.20 -34.20
N ASP A 240 -13.83 -0.36 -34.42
CA ASP A 240 -14.39 -0.35 -35.77
C ASP A 240 -14.31 1.01 -36.47
N ASP A 241 -13.98 2.05 -35.71
CA ASP A 241 -13.86 3.40 -36.27
C ASP A 241 -12.44 3.96 -36.12
N ALA A 242 -11.46 3.07 -36.01
CA ALA A 242 -10.06 3.49 -35.92
C ALA A 242 -9.62 4.26 -37.15
N ASP A 243 -8.75 5.25 -36.94
CA ASP A 243 -8.09 5.95 -38.04
C ASP A 243 -6.84 5.16 -38.40
N TRP A 244 -6.87 4.50 -39.57
CA TRP A 244 -5.79 3.59 -39.95
C TRP A 244 -4.50 4.29 -40.40
N ASP A 245 -4.62 5.54 -40.81
CA ASP A 245 -3.44 6.35 -41.16
C ASP A 245 -2.67 6.66 -39.89
N GLN A 246 -3.40 7.12 -38.87
CA GLN A 246 -2.82 7.42 -37.59
C GLN A 246 -2.33 6.17 -36.90
N LEU A 247 -3.04 5.07 -37.11
CA LEU A 247 -2.62 3.76 -36.59
C LEU A 247 -1.22 3.40 -37.05
N GLU A 248 -0.99 3.46 -38.36
CA GLU A 248 0.29 3.05 -38.93
C GLU A 248 1.45 3.83 -38.30
N LYS A 249 1.22 5.11 -38.01
CA LYS A 249 2.27 5.98 -37.53
C LYS A 249 2.76 5.66 -36.12
N VAL A 250 1.96 4.95 -35.35
CA VAL A 250 2.36 4.65 -33.97
C VAL A 250 2.81 3.21 -33.75
N LEU A 251 2.64 2.35 -34.75
CA LEU A 251 2.87 0.92 -34.55
C LEU A 251 4.30 0.53 -34.20
N TYR A 252 5.29 1.12 -34.89
CA TYR A 252 6.68 0.76 -34.65
C TYR A 252 7.05 1.06 -33.20
N PHE A 253 6.78 2.29 -32.77
CA PHE A 253 7.01 2.66 -31.38
C PHE A 253 6.28 1.73 -30.42
N SER A 254 5.01 1.45 -30.73
CA SER A 254 4.16 0.75 -29.77
C SER A 254 4.67 -0.63 -29.36
N ARG A 255 5.32 -1.33 -30.27
CA ARG A 255 5.82 -2.68 -29.95
C ARG A 255 7.34 -2.81 -29.95
N LEU A 256 8.03 -1.96 -30.72
CA LEU A 256 9.46 -2.12 -30.93
C LEU A 256 10.37 -1.12 -30.21
N TYR A 257 9.78 -0.11 -29.60
CA TYR A 257 10.56 0.80 -28.75
C TYR A 257 11.22 -0.03 -27.64
N ASN A 258 12.51 0.25 -27.39
CA ASN A 258 13.31 -0.49 -26.41
C ASN A 258 13.31 -1.99 -26.71
N ALA A 259 13.24 -2.32 -28.00
CA ALA A 259 13.16 -3.69 -28.50
C ALA A 259 12.05 -4.50 -27.85
N GLY A 260 10.97 -3.81 -27.46
CA GLY A 260 9.82 -4.48 -26.87
C GLY A 260 9.96 -4.79 -25.40
N GLN A 261 11.08 -4.39 -24.80
CA GLN A 261 11.38 -4.69 -23.42
C GLN A 261 10.77 -3.64 -22.49
N VAL A 262 9.46 -3.49 -22.57
CA VAL A 262 8.77 -2.40 -21.89
C VAL A 262 7.55 -2.99 -21.24
N CYS A 263 7.35 -2.73 -19.95
CA CYS A 263 6.20 -3.28 -19.26
C CYS A 263 4.88 -2.80 -19.90
N THR A 264 4.90 -1.60 -20.47
CA THR A 264 3.74 -1.05 -21.18
C THR A 264 3.88 -1.15 -22.72
N SER A 265 4.67 -2.11 -23.19
CA SER A 265 4.72 -2.36 -24.64
C SER A 265 3.34 -2.82 -25.11
N SER A 266 3.01 -2.58 -26.37
CA SER A 266 1.70 -2.98 -26.88
C SER A 266 1.72 -4.45 -27.31
N LYS A 267 1.59 -5.34 -26.33
CA LYS A 267 1.95 -6.75 -26.56
C LYS A 267 0.84 -7.59 -27.19
N ARG A 268 -0.41 -7.22 -26.94
CA ARG A 268 -1.53 -7.94 -27.55
C ARG A 268 -2.36 -7.00 -28.41
N PHE A 269 -2.18 -7.09 -29.73
CA PHE A 269 -3.03 -6.32 -30.62
C PHE A 269 -4.34 -7.06 -30.78
N ILE A 270 -5.45 -6.38 -30.46
CA ILE A 270 -6.76 -7.01 -30.57
C ILE A 270 -7.50 -6.37 -31.74
N VAL A 271 -7.83 -7.18 -32.75
CA VAL A 271 -8.34 -6.66 -34.01
C VAL A 271 -9.62 -7.39 -34.42
N LEU A 272 -10.58 -6.64 -34.95
CA LEU A 272 -11.84 -7.21 -35.41
C LEU A 272 -11.64 -8.07 -36.67
N ASP A 273 -12.46 -9.10 -36.82
CA ASP A 273 -12.33 -10.05 -37.93
C ASP A 273 -12.21 -9.36 -39.30
N LYS A 274 -13.05 -8.36 -39.50
CA LYS A 274 -13.09 -7.56 -40.73
C LYS A 274 -11.74 -6.94 -41.06
N ASP A 275 -10.99 -6.58 -40.01
CA ASP A 275 -9.75 -5.84 -40.16
C ASP A 275 -8.51 -6.71 -40.03
N TYR A 276 -8.71 -8.01 -39.80
CA TYR A 276 -7.61 -8.89 -39.43
C TYR A 276 -6.52 -9.03 -40.50
N ASP A 277 -6.91 -9.37 -41.72
CA ASP A 277 -5.92 -9.52 -42.79
C ASP A 277 -5.19 -8.20 -43.05
N ARG A 278 -5.94 -7.11 -43.02
CA ARG A 278 -5.39 -5.77 -43.23
C ARG A 278 -4.36 -5.43 -42.15
N PHE A 279 -4.66 -5.77 -40.89
CA PHE A 279 -3.71 -5.50 -39.84
C PHE A 279 -2.47 -6.41 -39.88
N LYS A 280 -2.65 -7.67 -40.25
CA LYS A 280 -1.51 -8.57 -40.41
C LYS A 280 -0.54 -7.96 -41.40
N GLU A 281 -1.07 -7.49 -42.52
CA GLU A 281 -0.23 -6.88 -43.54
C GLU A 281 0.42 -5.57 -43.08
N LEU A 282 -0.33 -4.75 -42.36
CA LEU A 282 0.19 -3.49 -41.88
C LEU A 282 1.30 -3.69 -40.86
N LEU A 283 1.08 -4.56 -39.88
CA LEU A 283 2.09 -4.81 -38.85
C LEU A 283 3.35 -5.43 -39.46
N THR A 284 3.15 -6.30 -40.45
CA THR A 284 4.27 -6.88 -41.18
C THR A 284 5.08 -5.81 -41.91
N LYS A 285 4.38 -4.89 -42.57
CA LYS A 285 5.03 -3.78 -43.26
C LYS A 285 5.89 -2.97 -42.30
N VAL A 286 5.32 -2.64 -41.16
CA VAL A 286 6.00 -1.82 -40.16
C VAL A 286 7.23 -2.54 -39.58
N PHE A 287 7.05 -3.82 -39.24
CA PHE A 287 8.12 -4.62 -38.68
C PHE A 287 9.28 -4.80 -39.66
N LYS A 288 8.97 -4.80 -40.96
CA LYS A 288 10.00 -4.94 -42.00
C LYS A 288 10.95 -3.76 -42.06
N THR A 289 10.51 -2.62 -41.54
CA THR A 289 11.32 -1.41 -41.61
C THR A 289 12.43 -1.38 -40.56
N ALA A 290 12.40 -2.32 -39.63
CA ALA A 290 13.39 -2.37 -38.56
C ALA A 290 14.82 -2.52 -39.07
N LYS A 291 15.73 -1.74 -38.51
CA LYS A 291 17.14 -1.87 -38.84
C LYS A 291 17.92 -2.14 -37.56
N TRP A 292 18.30 -3.40 -37.35
CA TRP A 292 19.07 -3.75 -36.17
C TRP A 292 20.54 -3.46 -36.37
N GLY A 293 21.25 -3.25 -35.26
CA GLY A 293 22.66 -2.99 -35.32
C GLY A 293 23.17 -2.25 -34.10
N ASP A 294 24.25 -1.49 -34.32
CA ASP A 294 24.95 -0.75 -33.28
C ASP A 294 24.01 0.27 -32.63
N PRO A 295 23.67 0.09 -31.34
CA PRO A 295 22.73 1.04 -30.72
C PRO A 295 23.29 2.47 -30.57
N MET A 296 24.60 2.65 -30.74
CA MET A 296 25.16 4.00 -30.72
C MET A 296 24.98 4.72 -32.06
N ASP A 297 24.69 3.96 -33.11
CA ASP A 297 24.55 4.50 -34.46
C ASP A 297 23.17 5.10 -34.62
N PRO A 298 23.09 6.38 -35.05
CA PRO A 298 21.78 7.03 -35.24
C PRO A 298 20.89 6.35 -36.28
N GLU A 299 21.46 5.56 -37.18
CA GLU A 299 20.69 4.86 -38.20
C GLU A 299 19.99 3.62 -37.63
N THR A 300 20.42 3.16 -36.47
CA THR A 300 19.90 1.92 -35.89
C THR A 300 18.54 2.14 -35.24
N THR A 301 17.58 1.30 -35.60
CA THR A 301 16.22 1.46 -35.09
C THR A 301 15.74 0.20 -34.36
N LEU A 302 16.64 -0.75 -34.16
CA LEU A 302 16.34 -1.89 -33.29
C LEU A 302 17.60 -2.30 -32.52
N ALA A 303 17.53 -2.23 -31.19
CA ALA A 303 18.64 -2.56 -30.31
C ALA A 303 18.72 -4.06 -30.06
N PRO A 304 19.90 -4.55 -29.65
CA PRO A 304 19.97 -5.93 -29.16
C PRO A 304 19.25 -5.99 -27.82
N LEU A 305 18.80 -7.18 -27.42
CA LEU A 305 18.21 -7.33 -26.09
C LEU A 305 19.29 -7.19 -25.02
N SER A 306 18.87 -7.08 -23.76
CA SER A 306 19.77 -6.66 -22.68
C SER A 306 20.76 -7.71 -22.17
N SER A 307 20.52 -8.99 -22.48
CA SER A 307 21.43 -10.05 -22.05
C SER A 307 21.27 -11.28 -22.91
N ALA A 308 22.21 -12.22 -22.81
CA ALA A 308 22.09 -13.47 -23.54
C ALA A 308 20.88 -14.25 -23.05
N GLN A 309 20.65 -14.23 -21.75
CA GLN A 309 19.50 -14.93 -21.18
C GLN A 309 18.18 -14.33 -21.66
N ALA A 310 18.11 -12.99 -21.74
CA ALA A 310 16.90 -12.33 -22.23
C ALA A 310 16.58 -12.80 -23.65
N LYS A 311 17.61 -12.87 -24.49
CA LYS A 311 17.43 -13.35 -25.86
C LYS A 311 16.96 -14.81 -25.89
N ALA A 312 17.62 -15.66 -25.11
CA ALA A 312 17.24 -17.07 -25.03
C ALA A 312 15.79 -17.24 -24.60
N ASP A 313 15.41 -16.50 -23.56
CA ASP A 313 14.04 -16.56 -23.05
C ASP A 313 13.01 -16.14 -24.09
N VAL A 314 13.28 -15.07 -24.82
CA VAL A 314 12.38 -14.61 -25.86
C VAL A 314 12.27 -15.62 -27.00
N LEU A 315 13.40 -16.18 -27.42
CA LEU A 315 13.39 -17.18 -28.48
C LEU A 315 12.62 -18.42 -28.04
N ASP A 316 12.80 -18.83 -26.79
CA ASP A 316 12.07 -19.97 -26.24
C ASP A 316 10.56 -19.71 -26.21
N GLN A 317 10.16 -18.47 -25.93
CA GLN A 317 8.73 -18.15 -25.90
C GLN A 317 8.10 -18.21 -27.28
N ILE A 318 8.82 -17.73 -28.28
CA ILE A 318 8.35 -17.82 -29.66
C ILE A 318 8.19 -19.28 -30.04
N LYS A 319 9.20 -20.08 -29.72
CA LYS A 319 9.17 -21.51 -30.01
C LYS A 319 8.02 -22.20 -29.29
N LEU A 320 7.82 -21.87 -28.02
CA LEU A 320 6.71 -22.40 -27.24
C LEU A 320 5.38 -22.07 -27.91
N ALA A 321 5.25 -20.84 -28.39
CA ALA A 321 4.03 -20.42 -29.08
C ALA A 321 3.74 -21.30 -30.29
N LEU A 322 4.77 -21.52 -31.11
CA LEU A 322 4.61 -22.30 -32.33
C LEU A 322 4.39 -23.78 -32.03
N ASP A 323 5.09 -24.29 -31.01
CA ASP A 323 4.93 -25.68 -30.62
C ASP A 323 3.52 -25.98 -30.13
N HIS A 324 2.83 -24.94 -29.68
CA HIS A 324 1.46 -25.10 -29.20
C HIS A 324 0.40 -24.60 -30.17
N GLY A 325 0.80 -24.42 -31.44
CA GLY A 325 -0.15 -24.21 -32.51
C GLY A 325 -0.33 -22.80 -33.06
N ALA A 326 0.50 -21.85 -32.61
CA ALA A 326 0.40 -20.49 -33.11
C ALA A 326 0.94 -20.38 -34.52
N GLU A 327 0.54 -19.34 -35.23
CA GLU A 327 1.01 -19.12 -36.59
C GLU A 327 2.17 -18.14 -36.64
N LEU A 328 3.25 -18.50 -37.31
CA LEU A 328 4.34 -17.56 -37.55
C LEU A 328 3.99 -16.69 -38.74
N VAL A 329 3.65 -15.43 -38.45
CA VAL A 329 3.21 -14.50 -39.48
C VAL A 329 4.39 -13.82 -40.16
N TYR A 330 5.40 -13.46 -39.37
CA TYR A 330 6.58 -12.77 -39.91
C TYR A 330 7.78 -12.98 -39.02
N GLY A 331 8.97 -13.07 -39.63
CA GLY A 331 10.20 -13.08 -38.88
C GLY A 331 10.53 -14.42 -38.27
N GLY A 332 11.04 -14.39 -37.04
CA GLY A 332 11.38 -15.60 -36.32
C GLY A 332 12.66 -16.25 -36.81
N GLU A 333 13.40 -15.55 -37.67
CA GLU A 333 14.67 -16.07 -38.18
C GLU A 333 15.81 -15.52 -37.37
N ALA A 334 16.88 -16.32 -37.24
CA ALA A 334 18.02 -15.94 -36.42
C ALA A 334 18.80 -14.76 -37.00
N ILE A 335 19.29 -13.90 -36.12
CA ILE A 335 20.26 -12.88 -36.51
C ILE A 335 21.65 -13.36 -36.12
N ASP A 336 22.52 -13.49 -37.12
CA ASP A 336 23.87 -14.01 -36.87
C ASP A 336 24.79 -12.87 -36.47
N HIS A 337 24.94 -12.66 -35.17
CA HIS A 337 25.75 -11.58 -34.62
C HIS A 337 26.01 -11.87 -33.14
N PRO A 338 27.19 -11.52 -32.63
CA PRO A 338 27.48 -11.85 -31.23
C PRO A 338 26.61 -11.09 -30.22
N GLY A 339 26.07 -9.95 -30.64
CA GLY A 339 25.16 -9.18 -29.81
C GLY A 339 23.86 -9.93 -29.59
N HIS A 340 23.11 -9.58 -28.55
CA HIS A 340 21.92 -10.36 -28.20
C HIS A 340 20.69 -10.00 -29.02
N PHE A 341 20.81 -10.10 -30.34
CA PHE A 341 19.73 -9.67 -31.24
C PHE A 341 18.61 -10.69 -31.46
N VAL A 342 17.38 -10.18 -31.46
CA VAL A 342 16.20 -10.95 -31.86
C VAL A 342 15.48 -10.13 -32.92
N MET A 343 15.18 -10.74 -34.06
CA MET A 343 14.50 -9.97 -35.11
C MET A 343 13.03 -9.79 -34.77
N PRO A 344 12.43 -8.67 -35.24
CA PRO A 344 11.00 -8.46 -35.05
C PRO A 344 10.22 -9.65 -35.60
N THR A 345 9.32 -10.18 -34.80
CA THR A 345 8.64 -11.42 -35.12
C THR A 345 7.16 -11.21 -34.82
N ILE A 346 6.28 -11.72 -35.68
CA ILE A 346 4.85 -11.59 -35.46
C ILE A 346 4.22 -12.96 -35.39
N ILE A 347 3.43 -13.20 -34.35
CA ILE A 347 2.66 -14.43 -34.24
C ILE A 347 1.18 -14.14 -34.16
N ALA A 348 0.37 -15.13 -34.53
CA ALA A 348 -1.08 -15.03 -34.43
C ALA A 348 -1.63 -16.41 -34.11
N GLY A 349 -2.95 -16.55 -34.11
CA GLY A 349 -3.57 -17.83 -33.84
C GLY A 349 -3.30 -18.41 -32.46
N LEU A 350 -3.14 -17.55 -31.46
CA LEU A 350 -3.02 -18.04 -30.09
C LEU A 350 -4.39 -18.45 -29.56
N THR A 351 -4.49 -19.68 -29.06
CA THR A 351 -5.69 -20.14 -28.38
C THR A 351 -5.43 -20.20 -26.88
N LYS A 352 -6.50 -20.35 -26.10
CA LYS A 352 -6.37 -20.28 -24.65
C LYS A 352 -5.54 -21.40 -24.03
N ASP A 353 -5.42 -22.51 -24.73
CA ASP A 353 -4.63 -23.64 -24.23
C ASP A 353 -3.16 -23.48 -24.60
N ASN A 354 -2.85 -22.43 -25.36
CA ASN A 354 -1.47 -22.08 -25.68
C ASN A 354 -0.94 -21.21 -24.56
N PRO A 355 0.15 -21.63 -23.90
CA PRO A 355 0.67 -20.89 -22.75
C PRO A 355 0.96 -19.42 -23.07
N ILE A 356 1.41 -19.16 -24.30
CA ILE A 356 1.78 -17.80 -24.71
C ILE A 356 0.56 -16.85 -24.80
N TYR A 357 -0.65 -17.41 -24.90
CA TYR A 357 -1.87 -16.60 -24.86
C TYR A 357 -1.89 -15.68 -23.65
N TYR A 358 -1.30 -16.13 -22.54
CA TYR A 358 -1.36 -15.42 -21.28
C TYR A 358 0.01 -14.96 -20.74
N GLN A 359 1.07 -15.11 -21.53
CA GLN A 359 2.42 -14.77 -21.07
C GLN A 359 2.93 -13.48 -21.66
N GLU A 360 3.64 -12.69 -20.85
CA GLU A 360 4.31 -11.49 -21.35
C GLU A 360 5.61 -11.87 -22.05
N ILE A 361 5.77 -11.42 -23.29
CA ILE A 361 7.02 -11.61 -24.03
C ILE A 361 7.80 -10.30 -24.03
N PHE A 362 8.94 -10.30 -23.34
CA PHE A 362 9.73 -9.08 -23.15
C PHE A 362 10.75 -8.94 -24.29
N GLY A 363 10.23 -8.82 -25.51
CA GLY A 363 11.06 -8.68 -26.69
C GLY A 363 10.21 -8.24 -27.86
N PRO A 364 10.80 -8.21 -29.07
CA PRO A 364 10.15 -7.60 -30.23
C PRO A 364 9.20 -8.56 -30.93
N VAL A 365 8.19 -9.01 -30.21
CA VAL A 365 7.27 -10.01 -30.73
C VAL A 365 5.85 -9.46 -30.80
N GLY A 366 5.39 -9.18 -32.00
CA GLY A 366 4.02 -8.74 -32.18
C GLY A 366 3.08 -9.94 -32.05
N GLU A 367 1.91 -9.72 -31.46
CA GLU A 367 0.91 -10.77 -31.31
C GLU A 367 -0.43 -10.24 -31.77
N ILE A 368 -1.07 -10.96 -32.69
CA ILE A 368 -2.36 -10.51 -33.18
C ILE A 368 -3.47 -11.44 -32.69
N TYR A 369 -4.40 -10.86 -31.93
CA TYR A 369 -5.56 -11.58 -31.41
C TYR A 369 -6.80 -11.17 -32.22
N LYS A 370 -7.39 -12.11 -32.95
CA LYS A 370 -8.59 -11.78 -33.72
C LYS A 370 -9.85 -11.96 -32.89
N VAL A 371 -10.74 -10.98 -32.91
CA VAL A 371 -12.03 -11.09 -32.22
C VAL A 371 -13.21 -10.77 -33.14
N SER A 372 -14.41 -11.15 -32.71
CA SER A 372 -15.59 -11.01 -33.57
C SER A 372 -16.44 -9.77 -33.30
N SER A 373 -16.11 -9.04 -32.26
CA SER A 373 -16.98 -7.95 -31.82
C SER A 373 -16.23 -7.09 -30.83
N GLU A 374 -16.75 -5.90 -30.56
CA GLU A 374 -16.17 -5.01 -29.57
C GLU A 374 -16.33 -5.60 -28.18
N GLU A 375 -17.47 -6.25 -27.95
CA GLU A 375 -17.68 -6.92 -26.67
C GLU A 375 -16.60 -7.95 -26.42
N GLU A 376 -16.29 -8.75 -27.44
CA GLU A 376 -15.25 -9.76 -27.30
C GLU A 376 -13.87 -9.12 -27.14
N ALA A 377 -13.63 -8.00 -27.83
CA ALA A 377 -12.36 -7.30 -27.71
C ALA A 377 -12.09 -6.96 -26.24
N ILE A 378 -13.13 -6.48 -25.56
CA ILE A 378 -13.04 -6.12 -24.15
C ILE A 378 -12.83 -7.35 -23.27
N GLU A 379 -13.62 -8.39 -23.53
CA GLU A 379 -13.48 -9.69 -22.84
C GLU A 379 -12.05 -10.24 -22.94
N VAL A 380 -11.50 -10.26 -24.15
CA VAL A 380 -10.14 -10.74 -24.35
C VAL A 380 -9.13 -9.81 -23.67
N ALA A 381 -9.32 -8.51 -23.82
CA ALA A 381 -8.44 -7.55 -23.15
C ALA A 381 -8.36 -7.81 -21.64
N ASN A 382 -9.50 -8.15 -21.04
CA ASN A 382 -9.57 -8.32 -19.58
C ASN A 382 -9.26 -9.74 -19.13
N ASP A 383 -9.21 -10.68 -20.08
CA ASP A 383 -8.84 -12.05 -19.75
C ASP A 383 -7.32 -12.11 -19.67
N SER A 384 -6.78 -11.56 -18.60
CA SER A 384 -5.33 -11.40 -18.47
C SER A 384 -4.97 -11.38 -17.00
N ASN A 385 -3.81 -11.95 -16.67
CA ASN A 385 -3.25 -11.85 -15.33
C ASN A 385 -2.57 -10.51 -15.11
N TYR A 386 -2.49 -9.72 -16.18
CA TYR A 386 -1.87 -8.40 -16.11
C TYR A 386 -2.91 -7.32 -16.28
N GLY A 387 -2.54 -6.09 -15.93
CA GLY A 387 -3.43 -4.96 -16.17
C GLY A 387 -2.66 -3.69 -15.94
N LEU A 388 -1.67 -3.44 -16.79
CA LEU A 388 -0.82 -2.26 -16.58
C LEU A 388 -1.29 -1.09 -17.43
N GLY A 389 -1.10 -1.20 -18.74
CA GLY A 389 -1.52 -0.17 -19.67
C GLY A 389 -2.47 -0.69 -20.73
N GLY A 390 -2.31 -0.19 -21.94
CA GLY A 390 -3.20 -0.57 -23.02
C GLY A 390 -3.55 0.63 -23.88
N THR A 391 -4.09 0.36 -25.07
CA THR A 391 -4.42 1.41 -26.01
C THR A 391 -5.80 1.18 -26.57
N ILE A 392 -6.57 2.25 -26.72
CA ILE A 392 -7.81 2.18 -27.47
C ILE A 392 -7.67 3.06 -28.71
N PHE A 393 -7.83 2.45 -29.89
CA PHE A 393 -7.74 3.18 -31.15
C PHE A 393 -9.12 3.39 -31.74
N SER A 394 -9.55 4.65 -31.76
CA SER A 394 -10.88 5.01 -32.22
C SER A 394 -10.92 6.49 -32.60
N SER A 395 -11.57 6.80 -33.72
CA SER A 395 -11.66 8.19 -34.17
C SER A 395 -12.78 8.95 -33.46
N ASN A 396 -13.56 8.26 -32.64
CA ASN A 396 -14.59 8.94 -31.85
C ASN A 396 -14.15 9.00 -30.40
N GLN A 397 -13.96 10.20 -29.88
CA GLN A 397 -13.36 10.35 -28.55
C GLN A 397 -14.22 9.77 -27.43
N GLU A 398 -15.53 9.99 -27.48
CA GLU A 398 -16.42 9.43 -26.47
C GLU A 398 -16.46 7.90 -26.53
N HIS A 399 -16.39 7.35 -27.75
CA HIS A 399 -16.32 5.90 -27.97
C HIS A 399 -15.05 5.35 -27.33
N ALA A 400 -13.92 6.00 -27.60
CA ALA A 400 -12.64 5.58 -27.05
C ALA A 400 -12.63 5.60 -25.53
N LYS A 401 -13.13 6.70 -24.94
CA LYS A 401 -13.16 6.84 -23.48
C LYS A 401 -14.06 5.80 -22.84
N ALA A 402 -15.17 5.49 -23.50
CA ALA A 402 -16.13 4.55 -22.95
C ALA A 402 -15.56 3.13 -22.92
N VAL A 403 -14.90 2.74 -24.00
CA VAL A 403 -14.23 1.44 -24.03
C VAL A 403 -13.08 1.39 -23.04
N ALA A 404 -12.29 2.46 -22.95
CA ALA A 404 -11.17 2.51 -22.02
C ALA A 404 -11.60 2.20 -20.57
N ALA A 405 -12.73 2.79 -20.17
CA ALA A 405 -13.23 2.61 -18.80
C ALA A 405 -13.58 1.15 -18.53
N LYS A 406 -13.94 0.43 -19.59
CA LYS A 406 -14.32 -0.98 -19.42
C LYS A 406 -13.13 -1.93 -19.31
N ILE A 407 -11.92 -1.43 -19.58
CA ILE A 407 -10.73 -2.28 -19.48
C ILE A 407 -10.22 -2.33 -18.06
N GLU A 408 -9.95 -3.54 -17.58
CA GLU A 408 -9.38 -3.76 -16.25
C GLU A 408 -7.87 -3.57 -16.33
N THR A 409 -7.43 -2.33 -16.15
CA THR A 409 -6.04 -1.96 -16.29
C THR A 409 -5.81 -0.60 -15.64
N GLY A 410 -4.54 -0.28 -15.35
CA GLY A 410 -4.24 0.96 -14.66
C GLY A 410 -4.12 2.19 -15.56
N MET A 411 -3.89 1.97 -16.85
CA MET A 411 -3.68 3.07 -17.79
C MET A 411 -4.25 2.76 -19.17
N SER A 412 -4.87 3.76 -19.78
CA SER A 412 -5.38 3.60 -21.15
C SER A 412 -4.90 4.76 -22.00
N PHE A 413 -4.21 4.44 -23.10
CA PHE A 413 -3.67 5.45 -23.98
C PHE A 413 -4.52 5.51 -25.24
N ILE A 414 -5.05 6.68 -25.52
CA ILE A 414 -5.99 6.81 -26.64
C ILE A 414 -5.27 7.19 -27.94
N ASN A 415 -5.48 6.39 -28.99
CA ASN A 415 -4.87 6.64 -30.30
C ASN A 415 -3.36 6.80 -30.28
N SER A 416 -2.71 6.04 -29.40
CA SER A 416 -1.29 6.18 -29.15
C SER A 416 -0.79 5.01 -28.33
N GLY A 417 0.50 4.74 -28.43
CA GLY A 417 1.15 3.79 -27.53
C GLY A 417 1.39 4.45 -26.18
N TRP A 418 2.12 3.78 -25.30
CA TRP A 418 2.32 4.34 -23.96
C TRP A 418 3.14 5.63 -24.00
N THR A 419 2.93 6.45 -22.98
CA THR A 419 3.91 7.47 -22.65
C THR A 419 3.87 7.69 -21.16
N SER A 420 4.84 8.42 -20.66
CA SER A 420 4.88 8.77 -19.26
C SER A 420 5.32 10.21 -19.16
N LEU A 421 4.70 10.96 -18.24
CA LEU A 421 5.03 12.35 -18.00
C LEU A 421 4.97 12.53 -16.48
N PRO A 422 5.70 13.51 -15.94
CA PRO A 422 5.78 13.62 -14.48
C PRO A 422 4.41 13.79 -13.82
N GLU A 423 3.46 14.40 -14.53
CA GLU A 423 2.16 14.73 -13.97
C GLU A 423 1.11 13.61 -14.10
N LEU A 424 1.49 12.49 -14.72
CA LEU A 424 0.55 11.39 -14.95
C LEU A 424 0.86 10.19 -14.06
N PRO A 425 -0.16 9.68 -13.32
CA PRO A 425 0.10 8.52 -12.47
C PRO A 425 0.36 7.26 -13.28
N PHE A 426 1.28 6.44 -12.79
CA PHE A 426 1.71 5.25 -13.51
C PHE A 426 1.62 4.04 -12.60
N GLY A 427 0.82 3.04 -12.99
CA GLY A 427 0.77 1.80 -12.23
C GLY A 427 -0.32 0.89 -12.75
N GLY A 428 -0.41 -0.30 -12.18
CA GLY A 428 -1.33 -1.30 -12.68
C GLY A 428 -2.19 -1.96 -11.61
N ILE A 429 -2.82 -3.07 -12.01
CA ILE A 429 -3.58 -3.93 -11.11
C ILE A 429 -3.21 -5.37 -11.45
N LYS A 430 -3.86 -6.33 -10.77
CA LYS A 430 -3.57 -7.75 -10.97
C LYS A 430 -2.08 -8.03 -10.80
N HIS A 431 -1.48 -8.85 -11.67
CA HIS A 431 -0.06 -9.16 -11.53
C HIS A 431 0.85 -8.06 -12.05
N SER A 432 0.28 -6.94 -12.47
CA SER A 432 1.08 -5.77 -12.85
C SER A 432 1.44 -4.95 -11.61
N GLY A 433 0.88 -5.32 -10.46
CA GLY A 433 1.26 -4.68 -9.21
C GLY A 433 0.18 -3.86 -8.54
N TYR A 434 0.62 -2.90 -7.72
CA TYR A 434 -0.28 -2.00 -7.00
C TYR A 434 0.48 -0.77 -6.56
N GLY A 435 -0.25 0.30 -6.26
CA GLY A 435 0.38 1.59 -5.98
C GLY A 435 0.58 2.34 -7.28
N ARG A 436 0.95 3.62 -7.16
CA ARG A 436 1.15 4.46 -8.34
C ARG A 436 2.42 5.25 -8.15
N GLU A 437 3.13 5.48 -9.26
CA GLU A 437 4.29 6.36 -9.26
C GLU A 437 4.05 7.54 -10.19
N LEU A 438 4.78 8.64 -9.95
CA LEU A 438 4.56 9.91 -10.65
C LEU A 438 3.21 10.55 -10.29
N SER A 439 3.01 11.80 -10.75
CA SER A 439 1.90 12.66 -10.30
C SER A 439 1.92 12.86 -8.79
N GLU A 440 0.87 13.45 -8.24
CA GLU A 440 0.82 13.60 -6.79
C GLU A 440 0.54 12.26 -6.13
N LEU A 441 -0.09 11.34 -6.85
CA LEU A 441 -0.35 10.00 -6.30
C LEU A 441 0.97 9.32 -5.95
N GLY A 442 2.00 9.57 -6.74
CA GLY A 442 3.30 8.97 -6.51
C GLY A 442 4.14 9.70 -5.49
N PHE A 443 3.58 10.72 -4.84
CA PHE A 443 4.30 11.45 -3.81
C PHE A 443 4.08 10.87 -2.41
N THR A 444 2.91 10.26 -2.18
CA THR A 444 2.54 9.92 -0.80
C THR A 444 2.76 8.47 -0.39
N SER A 445 3.36 7.66 -1.26
CA SER A 445 3.46 6.22 -1.00
C SER A 445 4.12 5.90 0.33
N PHE A 446 5.18 6.62 0.66
CA PHE A 446 5.92 6.37 1.89
C PHE A 446 5.95 7.57 2.82
N VAL A 447 4.85 8.34 2.78
CA VAL A 447 4.69 9.44 3.73
C VAL A 447 3.76 9.02 4.84
N ASN A 448 4.01 9.57 6.02
CA ASN A 448 3.15 9.39 7.18
C ASN A 448 2.11 10.48 7.09
N GLU A 449 0.89 10.08 6.80
CA GLU A 449 -0.25 11.00 6.85
C GLU A 449 -0.66 11.07 8.31
N HIS A 450 -0.21 12.13 8.97
CA HIS A 450 -0.24 12.23 10.43
C HIS A 450 -1.38 13.14 10.86
N LEU A 451 -2.42 12.54 11.44
CA LEU A 451 -3.59 13.27 11.91
C LEU A 451 -3.26 14.03 13.19
N ILE A 452 -3.66 15.32 13.22
CA ILE A 452 -3.66 16.10 14.45
C ILE A 452 -5.10 16.53 14.72
N TYR A 453 -5.61 16.20 15.90
CA TYR A 453 -7.02 16.44 16.20
C TYR A 453 -7.21 17.13 17.54
N ILE A 454 -7.98 18.23 17.53
CA ILE A 454 -8.31 18.96 18.75
C ILE A 454 -9.81 19.01 18.89
N PRO A 455 -10.36 18.19 19.81
CA PRO A 455 -11.82 18.17 19.97
C PRO A 455 -12.34 19.47 20.56
N ASN A 456 -13.59 19.81 20.23
CA ASN A 456 -14.27 20.91 20.89
C ASN A 456 -14.51 20.59 22.36
N ALA B 2 -13.39 -24.25 16.33
CA ALA B 2 -12.70 -23.27 17.16
C ALA B 2 -13.39 -21.91 17.12
N TYR B 3 -14.41 -21.78 16.27
CA TYR B 3 -15.23 -20.57 16.30
C TYR B 3 -16.32 -20.76 17.35
N GLN B 4 -16.08 -20.14 18.49
CA GLN B 4 -16.88 -20.38 19.67
C GLN B 4 -16.99 -19.10 20.47
N THR B 5 -18.21 -18.76 20.86
CA THR B 5 -18.46 -17.65 21.77
C THR B 5 -18.39 -18.17 23.19
N ILE B 6 -17.47 -17.62 23.97
CA ILE B 6 -17.38 -17.94 25.39
C ILE B 6 -17.46 -16.62 26.12
N TYR B 7 -18.55 -16.40 26.86
CA TYR B 7 -18.79 -15.11 27.52
C TYR B 7 -17.66 -14.81 28.52
N PRO B 8 -16.90 -13.73 28.31
CA PRO B 8 -15.78 -13.46 29.22
C PRO B 8 -16.18 -13.16 30.67
N TYR B 9 -17.45 -12.85 30.92
CA TYR B 9 -17.88 -12.59 32.30
C TYR B 9 -18.10 -13.89 33.08
N THR B 10 -18.60 -14.92 32.39
CA THR B 10 -18.95 -16.18 33.06
C THR B 10 -18.08 -17.36 32.66
N ASN B 11 -17.34 -17.20 31.57
CA ASN B 11 -16.57 -18.30 30.97
C ASN B 11 -17.47 -19.44 30.48
N GLU B 12 -18.71 -19.10 30.16
CA GLU B 12 -19.64 -20.09 29.60
C GLU B 12 -19.66 -20.06 28.08
N VAL B 13 -19.64 -21.23 27.45
CA VAL B 13 -19.81 -21.31 25.99
C VAL B 13 -21.25 -20.97 25.62
N LEU B 14 -21.41 -19.90 24.83
CA LEU B 14 -22.73 -19.48 24.38
C LEU B 14 -23.07 -19.92 22.94
N HIS B 15 -22.04 -20.23 22.14
CA HIS B 15 -22.25 -20.66 20.76
C HIS B 15 -21.06 -21.46 20.31
N THR B 16 -21.30 -22.56 19.60
CA THR B 16 -20.26 -23.21 18.82
C THR B 16 -20.70 -23.24 17.37
N PHE B 17 -19.82 -22.78 16.47
CA PHE B 17 -20.14 -22.75 15.05
C PHE B 17 -19.31 -23.76 14.29
N ASP B 18 -19.90 -24.31 13.22
CA ASP B 18 -19.17 -25.20 12.32
C ASP B 18 -18.36 -24.42 11.30
N ASN B 19 -17.24 -24.97 10.88
CA ASN B 19 -16.43 -24.35 9.84
C ASN B 19 -17.08 -24.48 8.47
N MET B 20 -16.80 -23.49 7.61
CA MET B 20 -17.23 -23.52 6.23
C MET B 20 -16.43 -24.57 5.47
N THR B 21 -17.09 -25.32 4.61
CA THR B 21 -16.40 -26.36 3.83
C THR B 21 -15.62 -25.74 2.68
N ASP B 22 -14.75 -26.53 2.05
CA ASP B 22 -14.03 -26.06 0.88
C ASP B 22 -14.97 -25.70 -0.27
N GLN B 23 -16.02 -26.50 -0.46
CA GLN B 23 -16.99 -26.22 -1.51
C GLN B 23 -17.78 -24.96 -1.16
N GLY B 24 -18.14 -24.82 0.10
CA GLY B 24 -18.83 -23.63 0.57
C GLY B 24 -18.01 -22.39 0.24
N LEU B 25 -16.72 -22.46 0.51
CA LEU B 25 -15.83 -21.32 0.29
C LEU B 25 -15.68 -21.04 -1.20
N ALA B 26 -15.58 -22.09 -2.01
CA ALA B 26 -15.48 -21.90 -3.45
C ALA B 26 -16.71 -21.16 -3.95
N ASP B 27 -17.88 -21.59 -3.47
CA ASP B 27 -19.13 -20.99 -3.92
C ASP B 27 -19.22 -19.52 -3.52
N VAL B 28 -18.74 -19.21 -2.31
CA VAL B 28 -18.73 -17.83 -1.82
C VAL B 28 -17.81 -16.95 -2.65
N LEU B 29 -16.61 -17.45 -2.97
CA LEU B 29 -15.66 -16.65 -3.75
C LEU B 29 -16.20 -16.38 -5.16
N GLU B 30 -16.84 -17.38 -5.77
CA GLU B 30 -17.39 -17.18 -7.10
C GLU B 30 -18.57 -16.20 -7.08
N ARG B 31 -19.43 -16.32 -6.07
CA ARG B 31 -20.54 -15.38 -5.91
C ARG B 31 -20.01 -13.95 -5.79
N ALA B 32 -18.97 -13.78 -4.97
CA ALA B 32 -18.37 -12.47 -4.77
C ALA B 32 -17.77 -11.93 -6.06
N HIS B 33 -17.07 -12.79 -6.80
CA HIS B 33 -16.48 -12.38 -8.06
C HIS B 33 -17.53 -11.95 -9.07
N LEU B 34 -18.64 -12.68 -9.12
CA LEU B 34 -19.67 -12.39 -10.11
C LEU B 34 -20.37 -11.10 -9.73
N LEU B 35 -20.42 -10.80 -8.43
CA LEU B 35 -21.03 -9.56 -7.96
C LEU B 35 -20.16 -8.37 -8.33
N TYR B 36 -18.84 -8.54 -8.19
CA TYR B 36 -17.91 -7.51 -8.64
C TYR B 36 -18.13 -7.22 -10.12
N LYS B 37 -18.23 -8.28 -10.93
CA LYS B 37 -18.41 -8.10 -12.36
C LYS B 37 -19.74 -7.39 -12.65
N LYS B 38 -20.79 -7.76 -11.93
CA LYS B 38 -22.10 -7.16 -12.12
C LYS B 38 -22.05 -5.65 -11.86
N TRP B 39 -21.37 -5.27 -10.78
CA TRP B 39 -21.29 -3.87 -10.39
C TRP B 39 -20.36 -3.05 -11.29
N ARG B 40 -19.45 -3.72 -11.99
CA ARG B 40 -18.62 -3.09 -13.01
C ARG B 40 -19.44 -2.84 -14.25
N LYS B 41 -20.23 -3.83 -14.64
CA LYS B 41 -20.94 -3.80 -15.92
C LYS B 41 -22.31 -3.10 -15.85
N GLU B 42 -22.80 -2.86 -14.65
CA GLU B 42 -24.09 -2.21 -14.44
C GLU B 42 -23.93 -1.22 -13.30
N ASP B 43 -24.53 -0.05 -13.43
CA ASP B 43 -24.46 0.96 -12.36
C ASP B 43 -25.49 0.68 -11.28
N HIS B 44 -25.02 0.24 -10.12
CA HIS B 44 -25.90 -0.05 -9.00
C HIS B 44 -25.54 0.81 -7.79
N LEU B 45 -24.90 1.94 -8.04
CA LEU B 45 -24.42 2.79 -6.95
C LEU B 45 -25.56 3.34 -6.07
N GLU B 46 -26.62 3.86 -6.70
CA GLU B 46 -27.73 4.35 -5.89
C GLU B 46 -28.36 3.26 -5.02
N GLU B 47 -28.46 2.05 -5.55
CA GLU B 47 -28.92 0.92 -4.74
C GLU B 47 -27.99 0.70 -3.55
N ARG B 48 -26.68 0.70 -3.79
CA ARG B 48 -25.75 0.46 -2.69
C ARG B 48 -25.77 1.58 -1.68
N LYS B 49 -25.88 2.81 -2.15
CA LYS B 49 -26.04 3.94 -1.23
C LYS B 49 -27.26 3.76 -0.34
N ALA B 50 -28.39 3.41 -0.96
CA ALA B 50 -29.61 3.21 -0.18
C ALA B 50 -29.47 2.05 0.81
N GLN B 51 -28.83 0.97 0.35
CA GLN B 51 -28.64 -0.19 1.21
C GLN B 51 -27.73 0.12 2.39
N LEU B 52 -26.68 0.91 2.17
CA LEU B 52 -25.79 1.26 3.26
C LEU B 52 -26.46 2.17 4.29
N HIS B 53 -27.27 3.11 3.83
CA HIS B 53 -28.06 3.93 4.75
C HIS B 53 -29.01 3.04 5.55
N GLN B 54 -29.51 1.99 4.91
CA GLN B 54 -30.42 1.06 5.60
C GLN B 54 -29.68 0.20 6.62
N VAL B 55 -28.41 -0.12 6.36
CA VAL B 55 -27.57 -0.76 7.38
C VAL B 55 -27.52 0.13 8.61
N ALA B 56 -27.27 1.42 8.41
CA ALA B 56 -27.26 2.38 9.51
C ALA B 56 -28.62 2.41 10.21
N ASN B 57 -29.69 2.40 9.42
CA ASN B 57 -31.05 2.44 9.99
C ASN B 57 -31.33 1.25 10.90
N ILE B 58 -30.90 0.06 10.47
CA ILE B 58 -31.13 -1.15 11.25
C ILE B 58 -30.26 -1.17 12.52
N LEU B 59 -29.02 -0.72 12.39
CA LEU B 59 -28.15 -0.60 13.56
C LEU B 59 -28.74 0.34 14.60
N ARG B 60 -29.35 1.44 14.15
CA ARG B 60 -29.97 2.37 15.08
C ARG B 60 -31.17 1.75 15.79
N ARG B 61 -32.04 1.14 15.00
CA ARG B 61 -33.29 0.54 15.49
C ARG B 61 -33.01 -0.60 16.46
N ASP B 62 -32.02 -1.43 16.11
CA ASP B 62 -31.71 -2.62 16.88
C ASP B 62 -30.39 -2.49 17.62
N ARG B 63 -30.04 -1.27 18.02
CA ARG B 63 -28.76 -1.03 18.67
C ARG B 63 -28.48 -1.95 19.86
N ASP B 64 -29.48 -2.16 20.70
CA ASP B 64 -29.26 -2.97 21.89
C ASP B 64 -28.97 -4.42 21.54
N LYS B 65 -29.58 -4.92 20.47
CA LYS B 65 -29.31 -6.28 20.02
C LYS B 65 -27.84 -6.45 19.64
N TYR B 66 -27.33 -5.54 18.82
CA TYR B 66 -25.95 -5.60 18.34
C TYR B 66 -24.93 -5.33 19.44
N ALA B 67 -25.26 -4.40 20.33
CA ALA B 67 -24.40 -4.13 21.48
C ALA B 67 -24.26 -5.38 22.35
N GLU B 68 -25.38 -6.04 22.62
CA GLU B 68 -25.34 -7.23 23.47
C GLU B 68 -24.54 -8.36 22.81
N ILE B 69 -24.70 -8.52 21.50
CA ILE B 69 -23.91 -9.52 20.77
C ILE B 69 -22.41 -9.33 21.02
N MET B 70 -21.95 -8.08 20.92
CA MET B 70 -20.55 -7.78 21.18
C MET B 70 -20.13 -8.05 22.62
N THR B 71 -20.95 -7.63 23.58
CA THR B 71 -20.67 -7.88 24.99
C THR B 71 -20.55 -9.38 25.28
N LYS B 72 -21.49 -10.15 24.75
CA LYS B 72 -21.52 -11.58 25.01
C LYS B 72 -20.36 -12.32 24.33
N ASP B 73 -19.91 -11.83 23.18
CA ASP B 73 -18.76 -12.41 22.50
C ASP B 73 -17.46 -12.14 23.25
N MET B 74 -17.16 -10.87 23.51
CA MET B 74 -15.80 -10.50 23.92
C MET B 74 -15.71 -9.67 25.19
N GLY B 75 -16.84 -9.46 25.86
CA GLY B 75 -16.86 -9.01 27.24
C GLY B 75 -16.97 -7.52 27.49
N LYS B 76 -16.91 -6.70 26.44
CA LYS B 76 -16.88 -5.25 26.66
C LYS B 76 -18.18 -4.74 27.30
N LEU B 77 -18.08 -3.61 28.01
CA LEU B 77 -19.25 -2.96 28.60
C LEU B 77 -20.34 -2.75 27.56
N PHE B 78 -21.55 -3.14 27.92
CA PHE B 78 -22.72 -2.94 27.07
C PHE B 78 -22.82 -1.48 26.62
N THR B 79 -22.55 -0.54 27.53
CA THR B 79 -22.61 0.87 27.17
C THR B 79 -21.56 1.23 26.11
N GLU B 80 -20.36 0.65 26.22
CA GLU B 80 -19.33 0.86 25.20
C GLU B 80 -19.74 0.27 23.86
N ALA B 81 -20.34 -0.91 23.91
CA ALA B 81 -20.79 -1.58 22.69
C ALA B 81 -21.89 -0.76 22.01
N GLN B 82 -22.75 -0.11 22.79
CA GLN B 82 -23.74 0.80 22.22
C GLN B 82 -23.04 1.95 21.50
N GLY B 83 -21.98 2.47 22.11
CA GLY B 83 -21.19 3.52 21.49
C GLY B 83 -20.56 3.04 20.19
N GLU B 84 -20.07 1.80 20.19
CA GLU B 84 -19.50 1.23 18.97
C GLU B 84 -20.56 1.17 17.85
N VAL B 85 -21.77 0.71 18.17
CA VAL B 85 -22.84 0.70 17.17
C VAL B 85 -23.07 2.10 16.61
N ASP B 86 -23.15 3.09 17.51
CA ASP B 86 -23.35 4.49 17.09
C ASP B 86 -22.32 4.93 16.05
N LEU B 87 -21.06 4.62 16.29
CA LEU B 87 -20.01 4.98 15.35
C LEU B 87 -20.19 4.23 14.03
N CYS B 88 -20.61 2.97 14.10
CA CYS B 88 -20.86 2.22 12.87
C CYS B 88 -21.97 2.86 12.03
N ALA B 89 -23.03 3.30 12.70
CA ALA B 89 -24.12 4.01 12.03
C ALA B 89 -23.53 5.19 11.26
N ASP B 90 -22.70 5.98 11.94
CA ASP B 90 -22.16 7.19 11.33
C ASP B 90 -21.21 6.89 10.18
N ILE B 91 -20.38 5.85 10.30
CA ILE B 91 -19.48 5.46 9.21
C ILE B 91 -20.27 5.04 7.98
N ALA B 92 -21.32 4.24 8.19
CA ALA B 92 -22.16 3.80 7.08
C ALA B 92 -22.80 5.00 6.38
N ASP B 93 -23.42 5.89 7.15
CA ASP B 93 -24.05 7.08 6.55
C ASP B 93 -23.03 7.95 5.84
N TYR B 94 -21.82 8.05 6.39
CA TYR B 94 -20.78 8.89 5.82
C TYR B 94 -20.37 8.44 4.43
N TYR B 95 -20.05 7.16 4.27
CA TYR B 95 -19.62 6.71 2.96
C TYR B 95 -20.75 6.73 1.93
N ALA B 96 -21.98 6.50 2.39
CA ALA B 96 -23.13 6.63 1.50
C ALA B 96 -23.31 8.07 1.06
N ASP B 97 -23.18 9.01 2.01
CA ASP B 97 -23.30 10.44 1.70
C ASP B 97 -22.16 10.95 0.80
N LYS B 98 -20.96 10.40 0.98
CA LYS B 98 -19.79 10.91 0.25
C LYS B 98 -19.53 10.18 -1.06
N ALA B 99 -20.35 9.18 -1.38
CA ALA B 99 -20.10 8.30 -2.51
C ALA B 99 -19.80 9.04 -3.81
N ASP B 100 -20.69 9.94 -4.20
CA ASP B 100 -20.50 10.56 -5.50
C ASP B 100 -19.27 11.47 -5.55
N GLU B 101 -19.03 12.20 -4.47
CA GLU B 101 -17.83 13.03 -4.36
C GLU B 101 -16.57 12.17 -4.45
N PHE B 102 -16.57 11.08 -3.71
CA PHE B 102 -15.37 10.24 -3.60
C PHE B 102 -15.11 9.44 -4.88
N LEU B 103 -16.15 9.26 -5.68
CA LEU B 103 -16.02 8.49 -6.91
C LEU B 103 -15.83 9.33 -8.18
N MET B 104 -15.89 10.66 -8.05
CA MET B 104 -15.75 11.54 -9.20
C MET B 104 -14.43 11.32 -9.95
N SER B 105 -14.49 11.39 -11.27
CA SER B 105 -13.29 11.39 -12.10
C SER B 105 -12.41 12.57 -11.69
N THR B 106 -11.10 12.41 -11.83
CA THR B 106 -10.14 13.46 -11.45
C THR B 106 -9.37 13.95 -12.68
N PRO B 107 -9.64 15.17 -13.14
CA PRO B 107 -8.87 15.74 -14.25
C PRO B 107 -7.41 15.97 -13.83
N LEU B 108 -6.50 15.74 -14.77
CA LEU B 108 -5.09 15.94 -14.54
C LEU B 108 -4.61 17.07 -15.44
N GLU B 109 -3.89 18.03 -14.87
CA GLU B 109 -3.38 19.13 -15.69
C GLU B 109 -2.12 18.73 -16.46
N THR B 110 -2.20 18.86 -17.78
CA THR B 110 -1.09 18.54 -18.66
C THR B 110 -1.27 19.37 -19.93
N ASP B 111 -0.19 19.92 -20.47
CA ASP B 111 -0.32 20.71 -21.70
C ASP B 111 -0.01 19.89 -22.94
N SER B 112 0.22 18.60 -22.72
CA SER B 112 0.55 17.67 -23.79
C SER B 112 -0.70 17.01 -24.36
N GLY B 113 -1.83 17.21 -23.69
CA GLY B 113 -3.08 16.61 -24.12
C GLY B 113 -4.16 16.73 -23.07
N GLN B 114 -5.07 15.76 -23.05
CA GLN B 114 -6.11 15.69 -22.03
C GLN B 114 -5.93 14.42 -21.24
N ALA B 115 -6.07 14.53 -19.92
CA ALA B 115 -5.87 13.37 -19.06
C ALA B 115 -6.79 13.46 -17.85
N TYR B 116 -7.20 12.29 -17.36
CA TYR B 116 -7.95 12.20 -16.11
C TYR B 116 -7.74 10.81 -15.56
N TYR B 117 -8.08 10.58 -14.29
CA TYR B 117 -8.13 9.21 -13.82
C TYR B 117 -9.45 8.89 -13.15
N LEU B 118 -9.91 7.67 -13.36
CA LEU B 118 -11.13 7.18 -12.75
C LEU B 118 -10.76 6.47 -11.47
N LYS B 119 -11.74 6.31 -10.60
CA LYS B 119 -11.59 5.51 -9.40
C LYS B 119 -12.53 4.32 -9.51
N GLN B 120 -11.97 3.16 -9.84
CA GLN B 120 -12.80 2.00 -10.16
C GLN B 120 -12.61 0.87 -9.16
N SER B 121 -13.64 0.04 -9.03
CA SER B 121 -13.51 -1.16 -8.21
C SER B 121 -12.49 -2.13 -8.83
N THR B 122 -12.02 -3.07 -8.03
CA THR B 122 -10.97 -3.99 -8.47
C THR B 122 -11.33 -5.46 -8.33
N GLY B 123 -12.15 -5.80 -7.35
CA GLY B 123 -12.47 -7.21 -7.12
C GLY B 123 -12.90 -7.51 -5.70
N VAL B 124 -12.71 -8.76 -5.29
CA VAL B 124 -13.09 -9.21 -3.96
C VAL B 124 -11.99 -8.88 -2.95
N ILE B 125 -12.37 -8.29 -1.81
CA ILE B 125 -11.41 -7.94 -0.76
C ILE B 125 -11.57 -8.88 0.45
N LEU B 126 -10.46 -9.45 0.91
CA LEU B 126 -10.49 -10.20 2.18
C LEU B 126 -10.21 -9.24 3.33
N ALA B 127 -11.16 -9.16 4.26
CA ALA B 127 -10.96 -8.39 5.49
C ALA B 127 -10.69 -9.36 6.63
N VAL B 128 -9.59 -9.14 7.34
CA VAL B 128 -9.26 -9.93 8.51
C VAL B 128 -9.35 -8.98 9.68
N GLU B 129 -10.27 -9.27 10.60
CA GLU B 129 -10.62 -8.32 11.65
C GLU B 129 -10.57 -8.93 13.03
N PRO B 130 -10.42 -8.08 14.07
CA PRO B 130 -10.13 -8.55 15.42
C PRO B 130 -11.27 -8.37 16.41
N TRP B 131 -11.11 -8.92 17.62
CA TRP B 131 -12.21 -9.00 18.58
C TRP B 131 -12.42 -7.74 19.40
N ASN B 132 -11.46 -6.81 19.40
CA ASN B 132 -11.62 -5.70 20.35
C ASN B 132 -12.69 -4.67 20.02
N PHE B 133 -12.98 -4.53 18.73
CA PHE B 133 -14.10 -3.72 18.25
C PHE B 133 -14.73 -4.50 17.10
N PRO B 134 -15.54 -5.52 17.44
CA PRO B 134 -16.00 -6.49 16.45
C PRO B 134 -16.81 -5.88 15.31
N TYR B 135 -17.55 -4.81 15.58
CA TYR B 135 -18.36 -4.19 14.54
C TYR B 135 -17.64 -3.03 13.85
N TYR B 136 -17.04 -2.16 14.65
CA TYR B 136 -16.37 -0.98 14.12
C TYR B 136 -15.24 -1.34 13.17
N GLN B 137 -14.46 -2.36 13.50
CA GLN B 137 -13.35 -2.72 12.60
C GLN B 137 -13.86 -3.26 11.26
N ILE B 138 -15.00 -3.94 11.25
CA ILE B 138 -15.61 -4.36 9.99
C ILE B 138 -16.11 -3.14 9.22
N MET B 139 -16.85 -2.27 9.90
CA MET B 139 -17.51 -1.16 9.20
C MET B 139 -16.50 -0.22 8.52
N ARG B 140 -15.35 -0.02 9.17
CA ARG B 140 -14.31 0.85 8.62
C ARG B 140 -13.91 0.45 7.21
N VAL B 141 -13.95 -0.84 6.92
CA VAL B 141 -13.56 -1.32 5.59
C VAL B 141 -14.75 -1.75 4.72
N PHE B 142 -15.81 -2.27 5.34
CA PHE B 142 -16.97 -2.66 4.55
C PHE B 142 -17.62 -1.46 3.89
N ALA B 143 -17.85 -0.39 4.65
CA ALA B 143 -18.53 0.79 4.09
C ALA B 143 -17.86 1.36 2.82
N PRO B 144 -16.55 1.69 2.86
CA PRO B 144 -15.98 2.25 1.64
C PRO B 144 -15.90 1.24 0.48
N ASN B 145 -15.55 0.00 0.78
CA ASN B 145 -15.44 -1.00 -0.28
C ASN B 145 -16.79 -1.34 -0.92
N PHE B 146 -17.84 -1.39 -0.11
CA PHE B 146 -19.18 -1.62 -0.63
C PHE B 146 -19.56 -0.50 -1.58
N ILE B 147 -19.28 0.73 -1.17
CA ILE B 147 -19.61 1.89 -2.03
C ILE B 147 -18.84 1.84 -3.36
N VAL B 148 -17.53 1.58 -3.29
CA VAL B 148 -16.70 1.40 -4.47
C VAL B 148 -17.23 0.31 -5.40
N GLY B 149 -17.69 -0.79 -4.81
CA GLY B 149 -18.16 -1.91 -5.60
C GLY B 149 -17.21 -3.10 -5.48
N ASN B 150 -16.44 -3.14 -4.40
CA ASN B 150 -15.60 -4.31 -4.09
C ASN B 150 -16.34 -5.22 -3.10
N PRO B 151 -16.84 -6.40 -3.55
CA PRO B 151 -17.47 -7.31 -2.59
C PRO B 151 -16.45 -7.76 -1.55
N MET B 152 -16.90 -8.09 -0.35
CA MET B 152 -15.97 -8.39 0.74
C MET B 152 -16.20 -9.80 1.27
N VAL B 153 -15.11 -10.48 1.63
CA VAL B 153 -15.22 -11.69 2.44
C VAL B 153 -14.47 -11.42 3.74
N LEU B 154 -15.04 -11.91 4.85
CA LEU B 154 -14.57 -11.55 6.18
C LEU B 154 -14.09 -12.75 6.96
N LYS B 155 -12.85 -12.68 7.45
CA LYS B 155 -12.42 -13.66 8.44
C LYS B 155 -12.26 -12.92 9.75
N HIS B 156 -13.13 -13.22 10.69
CA HIS B 156 -13.11 -12.52 11.97
C HIS B 156 -12.38 -13.34 13.04
N ALA B 157 -12.19 -12.74 14.20
CA ALA B 157 -11.56 -13.43 15.32
C ALA B 157 -12.35 -14.65 15.73
N SER B 158 -11.64 -15.69 16.16
CA SER B 158 -12.27 -16.95 16.55
C SER B 158 -13.20 -16.76 17.75
N ILE B 159 -12.95 -15.73 18.56
CA ILE B 159 -13.77 -15.53 19.76
C ILE B 159 -14.99 -14.62 19.58
N CYS B 160 -15.14 -13.99 18.41
CA CYS B 160 -16.37 -13.22 18.20
C CYS B 160 -17.20 -13.69 16.99
N PRO B 161 -17.53 -15.00 16.95
CA PRO B 161 -18.20 -15.54 15.76
C PRO B 161 -19.65 -15.07 15.60
N ARG B 162 -20.36 -14.82 16.68
CA ARG B 162 -21.72 -14.31 16.55
C ARG B 162 -21.71 -12.87 16.00
N SER B 163 -20.74 -12.05 16.45
CA SER B 163 -20.60 -10.71 15.88
C SER B 163 -20.40 -10.82 14.37
N ALA B 164 -19.51 -11.72 13.98
CA ALA B 164 -19.17 -11.88 12.57
C ALA B 164 -20.37 -12.32 11.74
N GLN B 165 -21.06 -13.37 12.19
CA GLN B 165 -22.21 -13.88 11.45
C GLN B 165 -23.34 -12.84 11.39
N SER B 166 -23.59 -12.16 12.50
CA SER B 166 -24.67 -11.20 12.54
C SER B 166 -24.40 -9.98 11.67
N PHE B 167 -23.12 -9.69 11.43
CA PHE B 167 -22.82 -8.56 10.55
C PHE B 167 -23.24 -8.91 9.13
N GLU B 168 -22.94 -10.13 8.67
CA GLU B 168 -23.42 -10.56 7.37
C GLU B 168 -24.95 -10.50 7.31
N GLU B 169 -25.60 -10.98 8.37
CA GLU B 169 -27.06 -11.00 8.41
C GLU B 169 -27.62 -9.59 8.34
N LEU B 170 -26.95 -8.66 9.02
CA LEU B 170 -27.33 -7.25 8.99
C LEU B 170 -27.34 -6.63 7.59
N VAL B 171 -26.27 -6.88 6.86
CA VAL B 171 -26.14 -6.38 5.49
C VAL B 171 -27.21 -6.99 4.57
N LEU B 172 -27.48 -8.27 4.71
CA LEU B 172 -28.56 -8.91 3.95
C LEU B 172 -29.91 -8.33 4.33
N GLU B 173 -30.11 -8.08 5.62
CA GLU B 173 -31.39 -7.54 6.11
C GLU B 173 -31.65 -6.16 5.50
N ALA B 174 -30.57 -5.43 5.25
CA ALA B 174 -30.64 -4.09 4.69
C ALA B 174 -30.96 -4.13 3.20
N GLY B 175 -30.98 -5.34 2.63
CA GLY B 175 -31.36 -5.52 1.24
C GLY B 175 -30.20 -5.55 0.26
N ALA B 176 -28.97 -5.53 0.76
CA ALA B 176 -27.81 -5.66 -0.11
C ALA B 176 -27.79 -7.03 -0.76
N GLU B 177 -27.29 -7.11 -1.98
CA GLU B 177 -27.24 -8.39 -2.67
C GLU B 177 -26.34 -9.38 -1.95
N ALA B 178 -26.73 -10.66 -1.96
CA ALA B 178 -25.91 -11.71 -1.34
C ALA B 178 -24.53 -11.68 -1.97
N GLY B 179 -23.51 -11.72 -1.13
CA GLY B 179 -22.14 -11.59 -1.59
C GLY B 179 -21.50 -10.23 -1.31
N SER B 180 -22.32 -9.24 -0.94
CA SER B 180 -21.78 -7.91 -0.62
C SER B 180 -20.75 -8.02 0.51
N ILE B 181 -21.11 -8.78 1.54
CA ILE B 181 -20.13 -9.25 2.52
C ILE B 181 -20.55 -10.65 2.92
N THR B 182 -19.56 -11.53 3.06
CA THR B 182 -19.83 -12.87 3.53
C THR B 182 -18.83 -13.21 4.61
N ASN B 183 -19.33 -13.69 5.75
CA ASN B 183 -18.48 -14.15 6.83
C ASN B 183 -17.91 -15.53 6.52
N LEU B 184 -16.64 -15.75 6.84
CA LEU B 184 -15.97 -17.03 6.60
C LEU B 184 -15.50 -17.64 7.91
N PHE B 185 -16.16 -18.71 8.35
CA PHE B 185 -15.64 -19.46 9.49
C PHE B 185 -14.62 -20.48 8.97
N ILE B 186 -13.38 -20.02 8.77
CA ILE B 186 -12.39 -20.80 8.04
C ILE B 186 -11.07 -21.00 8.77
N SER B 187 -10.31 -21.99 8.32
CA SER B 187 -9.02 -22.32 8.91
C SER B 187 -7.96 -21.40 8.32
N TYR B 188 -6.76 -21.41 8.92
CA TYR B 188 -5.64 -20.66 8.36
C TYR B 188 -5.26 -21.18 6.97
N ASP B 189 -5.36 -22.49 6.78
CA ASP B 189 -5.22 -23.11 5.46
C ASP B 189 -6.12 -22.40 4.46
N GLN B 190 -7.41 -22.33 4.79
CA GLN B 190 -8.37 -21.69 3.90
C GLN B 190 -8.12 -20.19 3.73
N VAL B 191 -7.64 -19.51 4.77
CA VAL B 191 -7.30 -18.10 4.64
C VAL B 191 -6.22 -17.91 3.58
N SER B 192 -5.19 -18.76 3.64
CA SER B 192 -4.13 -18.71 2.63
C SER B 192 -4.65 -19.02 1.23
N GLN B 193 -5.62 -19.94 1.13
CA GLN B 193 -6.27 -20.25 -0.14
C GLN B 193 -6.95 -18.99 -0.69
N VAL B 194 -7.64 -18.28 0.19
CA VAL B 194 -8.38 -17.08 -0.22
C VAL B 194 -7.40 -16.02 -0.76
N ILE B 195 -6.31 -15.82 -0.04
CA ILE B 195 -5.30 -14.83 -0.45
C ILE B 195 -4.68 -15.19 -1.81
N ALA B 196 -4.51 -16.48 -2.07
CA ALA B 196 -3.93 -16.92 -3.34
C ALA B 196 -4.93 -16.96 -4.50
N ASP B 197 -6.21 -16.79 -4.20
CA ASP B 197 -7.24 -16.91 -5.22
C ASP B 197 -7.24 -15.70 -6.13
N LYS B 198 -7.26 -15.90 -7.46
CA LYS B 198 -7.19 -14.78 -8.40
C LYS B 198 -8.39 -13.82 -8.30
N ARG B 199 -9.50 -14.29 -7.73
CA ARG B 199 -10.68 -13.43 -7.59
C ARG B 199 -10.53 -12.40 -6.47
N VAL B 200 -9.58 -12.66 -5.57
CA VAL B 200 -9.30 -11.78 -4.43
C VAL B 200 -8.16 -10.84 -4.81
N VAL B 201 -8.35 -9.54 -4.57
CA VAL B 201 -7.45 -8.54 -5.14
C VAL B 201 -6.86 -7.61 -4.08
N GLY B 202 -7.11 -7.90 -2.82
CA GLY B 202 -6.51 -7.11 -1.76
C GLY B 202 -6.88 -7.69 -0.41
N VAL B 203 -6.04 -7.41 0.59
CA VAL B 203 -6.32 -7.87 1.95
C VAL B 203 -6.17 -6.69 2.91
N CYS B 204 -7.20 -6.43 3.70
CA CYS B 204 -7.06 -5.46 4.77
C CYS B 204 -7.14 -6.19 6.10
N LEU B 205 -6.17 -5.93 6.97
CA LEU B 205 -6.15 -6.56 8.27
C LEU B 205 -6.10 -5.51 9.38
N THR B 206 -6.88 -5.75 10.41
CA THR B 206 -6.74 -5.03 11.68
C THR B 206 -6.50 -6.08 12.75
N GLY B 207 -5.53 -5.86 13.62
CA GLY B 207 -5.23 -6.86 14.64
C GLY B 207 -3.81 -6.77 15.17
N SER B 208 -3.27 -7.88 15.62
CA SER B 208 -1.93 -7.88 16.22
C SER B 208 -0.86 -8.06 15.15
N GLU B 209 0.36 -7.68 15.45
CA GLU B 209 1.40 -7.74 14.44
C GLU B 209 1.84 -9.16 14.09
N ARG B 210 1.56 -10.12 14.97
CA ARG B 210 1.84 -11.51 14.66
C ARG B 210 0.97 -11.97 13.49
N GLY B 211 -0.34 -11.76 13.61
CA GLY B 211 -1.27 -12.06 12.53
C GLY B 211 -1.04 -11.18 11.31
N GLY B 212 -0.75 -9.90 11.55
CA GLY B 212 -0.42 -8.98 10.48
C GLY B 212 0.74 -9.46 9.64
N ALA B 213 1.81 -9.92 10.29
CA ALA B 213 2.99 -10.38 9.55
C ALA B 213 2.70 -11.66 8.75
N SER B 214 1.97 -12.60 9.36
CA SER B 214 1.60 -13.84 8.67
C SER B 214 0.79 -13.57 7.41
N ILE B 215 -0.22 -12.72 7.55
CA ILE B 215 -1.13 -12.39 6.47
C ILE B 215 -0.43 -11.56 5.38
N ALA B 216 0.37 -10.57 5.80
CA ALA B 216 1.07 -9.73 4.83
C ALA B 216 2.12 -10.52 4.06
N GLU B 217 2.77 -11.48 4.73
CA GLU B 217 3.73 -12.34 4.05
C GLU B 217 3.02 -13.16 2.96
N GLU B 218 1.87 -13.74 3.31
CA GLU B 218 1.11 -14.53 2.34
C GLU B 218 0.59 -13.65 1.20
N ALA B 219 0.09 -12.46 1.53
CA ALA B 219 -0.36 -11.53 0.52
C ALA B 219 0.78 -11.16 -0.43
N GLY B 220 1.95 -10.87 0.12
CA GLY B 220 3.09 -10.47 -0.70
C GLY B 220 3.49 -11.52 -1.72
N LYS B 221 3.53 -12.77 -1.25
CA LYS B 221 3.86 -13.92 -2.09
C LYS B 221 2.91 -14.03 -3.26
N ASN B 222 1.68 -13.55 -3.07
CA ASN B 222 0.66 -13.64 -4.08
C ASN B 222 0.35 -12.32 -4.79
N LEU B 223 1.22 -11.33 -4.56
CA LEU B 223 1.13 -10.01 -5.18
C LEU B 223 -0.14 -9.24 -4.83
N LYS B 224 -0.67 -9.48 -3.65
CA LYS B 224 -1.91 -8.83 -3.25
C LYS B 224 -1.64 -7.61 -2.37
N LYS B 225 -2.23 -6.49 -2.73
CA LYS B 225 -2.07 -5.25 -1.97
C LYS B 225 -2.61 -5.42 -0.55
N THR B 226 -1.98 -4.79 0.43
CA THR B 226 -2.47 -4.84 1.81
C THR B 226 -2.55 -3.49 2.49
N THR B 227 -3.38 -3.43 3.52
CA THR B 227 -3.27 -2.38 4.52
C THR B 227 -3.22 -3.10 5.86
N LEU B 228 -2.46 -2.55 6.80
CA LEU B 228 -2.32 -3.13 8.14
C LEU B 228 -2.61 -2.11 9.22
N GLU B 229 -3.59 -2.43 10.07
CA GLU B 229 -3.90 -1.62 11.24
C GLU B 229 -3.58 -2.44 12.47
N LEU B 230 -2.44 -2.18 13.10
CA LEU B 230 -1.98 -3.05 14.16
C LEU B 230 -2.00 -2.35 15.51
N GLY B 231 -1.19 -2.83 16.45
CA GLY B 231 -1.23 -2.31 17.81
C GLY B 231 -0.47 -1.02 17.98
N GLY B 232 -0.47 -0.51 19.20
CA GLY B 232 0.25 0.71 19.50
C GLY B 232 0.82 0.68 20.90
N ASP B 233 1.70 1.63 21.19
CA ASP B 233 2.14 1.84 22.57
C ASP B 233 2.19 3.35 22.74
N ASP B 234 1.02 3.96 22.56
CA ASP B 234 0.90 5.41 22.42
C ASP B 234 1.42 6.19 23.60
N ALA B 235 2.16 7.26 23.32
CA ALA B 235 2.65 8.15 24.36
C ALA B 235 1.63 9.24 24.65
N PHE B 236 1.30 9.41 25.92
CA PHE B 236 0.38 10.45 26.38
C PHE B 236 1.29 11.39 27.15
N ILE B 237 1.62 12.52 26.52
CA ILE B 237 2.68 13.38 27.00
C ILE B 237 2.10 14.58 27.73
N ILE B 238 2.50 14.75 28.99
CA ILE B 238 1.93 15.83 29.81
C ILE B 238 2.96 16.95 29.93
N LEU B 239 2.71 18.06 29.25
CA LEU B 239 3.65 19.16 29.22
C LEU B 239 3.50 20.08 30.43
N ASP B 240 4.42 21.03 30.58
CA ASP B 240 4.49 21.80 31.81
C ASP B 240 3.32 22.77 32.00
N ASP B 241 2.56 23.01 30.94
CA ASP B 241 1.40 23.88 31.03
C ASP B 241 0.10 23.12 30.81
N ALA B 242 0.11 21.83 31.10
CA ALA B 242 -1.10 21.03 31.02
C ALA B 242 -2.20 21.53 31.97
N ASP B 243 -3.44 21.47 31.51
CA ASP B 243 -4.60 21.76 32.36
C ASP B 243 -4.94 20.49 33.15
N TRP B 244 -4.63 20.49 34.43
CA TRP B 244 -4.75 19.28 35.26
C TRP B 244 -6.18 18.88 35.60
N ASP B 245 -7.09 19.84 35.53
CA ASP B 245 -8.50 19.54 35.73
C ASP B 245 -9.04 18.81 34.49
N GLN B 246 -8.70 19.32 33.32
CA GLN B 246 -9.01 18.69 32.05
C GLN B 246 -8.34 17.31 31.98
N LEU B 247 -7.11 17.23 32.50
CA LEU B 247 -6.35 15.99 32.51
C LEU B 247 -7.07 14.90 33.31
N GLU B 248 -7.47 15.23 34.54
CA GLU B 248 -8.17 14.27 35.38
C GLU B 248 -9.42 13.72 34.70
N LYS B 249 -10.15 14.58 34.00
CA LYS B 249 -11.40 14.19 33.38
C LYS B 249 -11.26 13.13 32.29
N VAL B 250 -10.08 13.02 31.66
CA VAL B 250 -9.93 12.08 30.55
C VAL B 250 -9.13 10.84 30.90
N LEU B 251 -8.49 10.82 32.08
CA LEU B 251 -7.57 9.72 32.39
C LEU B 251 -8.21 8.35 32.42
N TYR B 252 -9.40 8.23 33.00
CA TYR B 252 -10.05 6.91 33.11
C TYR B 252 -10.29 6.33 31.73
N PHE B 253 -10.96 7.10 30.88
CA PHE B 253 -11.18 6.69 29.51
C PHE B 253 -9.86 6.38 28.80
N SER B 254 -8.87 7.24 29.00
CA SER B 254 -7.64 7.14 28.21
C SER B 254 -6.91 5.80 28.31
N ARG B 255 -6.97 5.16 29.47
CA ARG B 255 -6.29 3.88 29.64
C ARG B 255 -7.22 2.70 29.95
N LEU B 256 -8.39 2.98 30.52
CA LEU B 256 -9.25 1.90 31.02
C LEU B 256 -10.47 1.62 30.15
N TYR B 257 -10.72 2.45 29.13
CA TYR B 257 -11.79 2.19 28.17
C TYR B 257 -11.51 0.85 27.50
N ASN B 258 -12.55 0.02 27.34
CA ASN B 258 -12.41 -1.34 26.80
C ASN B 258 -11.35 -2.15 27.57
N ALA B 259 -11.27 -1.88 28.88
CA ALA B 259 -10.30 -2.53 29.76
C ALA B 259 -8.86 -2.42 29.26
N GLY B 260 -8.57 -1.37 28.49
CA GLY B 260 -7.22 -1.12 28.03
C GLY B 260 -6.87 -1.87 26.76
N GLN B 261 -7.84 -2.62 26.24
CA GLN B 261 -7.64 -3.48 25.06
C GLN B 261 -7.89 -2.66 23.79
N VAL B 262 -7.07 -1.63 23.59
CA VAL B 262 -7.30 -0.69 22.50
C VAL B 262 -5.95 -0.35 21.90
N CYS B 263 -5.84 -0.46 20.57
CA CYS B 263 -4.57 -0.18 19.93
C CYS B 263 -4.13 1.25 20.21
N THR B 264 -5.11 2.14 20.39
CA THR B 264 -4.84 3.56 20.69
C THR B 264 -5.08 3.92 22.16
N SER B 265 -5.01 2.93 23.04
CA SER B 265 -5.05 3.19 24.47
C SER B 265 -3.83 4.05 24.84
N SER B 266 -3.95 4.84 25.89
CA SER B 266 -2.85 5.71 26.32
C SER B 266 -1.86 4.93 27.18
N LYS B 267 -1.01 4.15 26.53
CA LYS B 267 -0.25 3.11 27.23
C LYS B 267 1.00 3.63 27.94
N ARG B 268 1.61 4.68 27.41
CA ARG B 268 2.80 5.26 28.04
C ARG B 268 2.54 6.70 28.44
N PHE B 269 2.30 6.92 29.73
CA PHE B 269 2.20 8.28 30.24
C PHE B 269 3.59 8.84 30.45
N ILE B 270 3.89 9.97 29.80
CA ILE B 270 5.20 10.58 29.91
C ILE B 270 5.04 11.89 30.66
N VAL B 271 5.69 11.98 31.81
CA VAL B 271 5.49 13.09 32.74
C VAL B 271 6.84 13.69 33.13
N LEU B 272 6.86 15.00 33.34
CA LEU B 272 8.07 15.72 33.72
C LEU B 272 8.37 15.48 35.20
N ASP B 273 9.65 15.57 35.57
CA ASP B 273 10.12 15.33 36.94
C ASP B 273 9.26 16.03 37.97
N LYS B 274 8.99 17.30 37.71
CA LYS B 274 8.27 18.15 38.66
C LYS B 274 6.86 17.65 38.94
N ASP B 275 6.28 16.97 37.95
CA ASP B 275 4.88 16.55 38.03
C ASP B 275 4.71 15.07 38.39
N TYR B 276 5.81 14.34 38.51
CA TYR B 276 5.74 12.89 38.66
C TYR B 276 4.96 12.41 39.88
N ASP B 277 5.27 12.92 41.06
CA ASP B 277 4.54 12.50 42.26
C ASP B 277 3.05 12.83 42.16
N ARG B 278 2.75 14.03 41.67
CA ARG B 278 1.38 14.46 41.50
C ARG B 278 0.64 13.55 40.52
N PHE B 279 1.30 13.15 39.44
CA PHE B 279 0.63 12.31 38.46
C PHE B 279 0.41 10.91 39.00
N LYS B 280 1.40 10.39 39.72
CA LYS B 280 1.28 9.08 40.38
C LYS B 280 0.02 9.00 41.24
N GLU B 281 -0.18 9.99 42.11
CA GLU B 281 -1.36 9.96 42.97
C GLU B 281 -2.65 10.23 42.19
N LEU B 282 -2.57 11.08 41.16
CA LEU B 282 -3.76 11.33 40.34
C LEU B 282 -4.18 10.09 39.58
N LEU B 283 -3.23 9.42 38.94
CA LEU B 283 -3.57 8.22 38.17
C LEU B 283 -4.03 7.12 39.11
N THR B 284 -3.41 7.05 40.29
CA THR B 284 -3.82 6.08 41.30
C THR B 284 -5.26 6.37 41.74
N LYS B 285 -5.55 7.63 42.05
CA LYS B 285 -6.90 8.07 42.41
C LYS B 285 -7.93 7.65 41.36
N VAL B 286 -7.63 7.91 40.09
CA VAL B 286 -8.54 7.60 39.01
C VAL B 286 -8.77 6.09 38.91
N PHE B 287 -7.68 5.33 38.94
CA PHE B 287 -7.74 3.87 38.82
C PHE B 287 -8.51 3.23 39.96
N LYS B 288 -8.42 3.79 41.17
CA LYS B 288 -9.17 3.19 42.28
C LYS B 288 -10.69 3.32 42.14
N THR B 289 -11.17 4.18 41.23
CA THR B 289 -12.60 4.33 41.03
C THR B 289 -13.23 3.19 40.22
N ALA B 290 -12.39 2.33 39.63
CA ALA B 290 -12.90 1.23 38.79
C ALA B 290 -13.84 0.30 39.55
N LYS B 291 -14.96 -0.02 38.93
CA LYS B 291 -15.88 -1.03 39.44
C LYS B 291 -15.98 -2.18 38.44
N TRP B 292 -15.31 -3.29 38.71
CA TRP B 292 -15.45 -4.43 37.80
C TRP B 292 -16.67 -5.27 38.11
N GLY B 293 -17.15 -5.99 37.10
CA GLY B 293 -18.31 -6.84 37.26
C GLY B 293 -18.99 -7.13 35.94
N ASP B 294 -20.27 -7.45 36.03
CA ASP B 294 -21.14 -7.77 34.89
C ASP B 294 -21.15 -6.64 33.87
N PRO B 295 -20.59 -6.89 32.67
CA PRO B 295 -20.52 -5.81 31.68
C PRO B 295 -21.90 -5.37 31.14
N MET B 296 -22.94 -6.14 31.42
CA MET B 296 -24.30 -5.73 31.06
C MET B 296 -24.89 -4.75 32.08
N ASP B 297 -24.29 -4.70 33.28
CA ASP B 297 -24.76 -3.85 34.37
C ASP B 297 -24.27 -2.42 34.17
N PRO B 298 -25.19 -1.44 34.12
CA PRO B 298 -24.81 -0.06 33.84
C PRO B 298 -23.92 0.59 34.89
N GLU B 299 -23.80 0.00 36.08
CA GLU B 299 -22.90 0.55 37.09
C GLU B 299 -21.47 0.00 36.97
N THR B 300 -21.30 -1.01 36.11
CA THR B 300 -19.98 -1.59 35.91
C THR B 300 -19.15 -0.65 35.06
N THR B 301 -17.92 -0.36 35.50
CA THR B 301 -17.04 0.54 34.77
C THR B 301 -15.70 -0.10 34.37
N LEU B 302 -15.54 -1.39 34.65
CA LEU B 302 -14.41 -2.16 34.14
C LEU B 302 -14.85 -3.56 33.70
N ALA B 303 -14.63 -3.87 32.43
CA ALA B 303 -15.02 -5.16 31.89
C ALA B 303 -13.97 -6.23 32.16
N PRO B 304 -14.35 -7.52 32.08
CA PRO B 304 -13.31 -8.56 32.03
C PRO B 304 -12.59 -8.49 30.69
N LEU B 305 -11.39 -9.05 30.61
CA LEU B 305 -10.67 -9.13 29.34
C LEU B 305 -11.33 -10.19 28.46
N SER B 306 -10.96 -10.22 27.19
CA SER B 306 -11.74 -10.96 26.19
C SER B 306 -11.58 -12.48 26.18
N SER B 307 -10.56 -12.98 26.87
CA SER B 307 -10.36 -14.42 26.93
C SER B 307 -9.45 -14.78 28.09
N ALA B 308 -9.39 -16.07 28.41
CA ALA B 308 -8.51 -16.54 29.48
C ALA B 308 -7.06 -16.25 29.13
N GLN B 309 -6.70 -16.48 27.88
CA GLN B 309 -5.33 -16.25 27.43
C GLN B 309 -4.94 -14.78 27.46
N ALA B 310 -5.89 -13.90 27.12
CA ALA B 310 -5.65 -12.46 27.18
C ALA B 310 -5.30 -12.03 28.61
N LYS B 311 -6.09 -12.52 29.55
CA LYS B 311 -5.82 -12.27 30.97
C LYS B 311 -4.44 -12.82 31.36
N ALA B 312 -4.15 -14.05 30.94
CA ALA B 312 -2.88 -14.68 31.31
C ALA B 312 -1.70 -13.90 30.74
N ASP B 313 -1.84 -13.43 29.51
CA ASP B 313 -0.78 -12.65 28.86
C ASP B 313 -0.50 -11.34 29.57
N VAL B 314 -1.56 -10.63 29.95
CA VAL B 314 -1.41 -9.35 30.65
C VAL B 314 -0.77 -9.53 32.04
N LEU B 315 -1.25 -10.53 32.79
CA LEU B 315 -0.68 -10.84 34.09
C LEU B 315 0.80 -11.21 33.96
N ASP B 316 1.15 -11.95 32.92
CA ASP B 316 2.54 -12.31 32.69
C ASP B 316 3.41 -11.09 32.38
N GLN B 317 2.84 -10.11 31.69
CA GLN B 317 3.58 -8.90 31.35
C GLN B 317 3.82 -8.04 32.57
N ILE B 318 2.82 -7.94 33.43
CA ILE B 318 2.98 -7.23 34.70
C ILE B 318 4.12 -7.87 35.49
N LYS B 319 4.11 -9.19 35.59
CA LYS B 319 5.15 -9.86 36.34
C LYS B 319 6.52 -9.73 35.70
N LEU B 320 6.57 -9.78 34.37
CA LEU B 320 7.82 -9.59 33.64
C LEU B 320 8.39 -8.22 33.99
N ALA B 321 7.53 -7.21 34.00
CA ALA B 321 7.95 -5.85 34.33
C ALA B 321 8.56 -5.79 35.73
N LEU B 322 7.86 -6.36 36.70
CA LEU B 322 8.33 -6.37 38.08
C LEU B 322 9.62 -7.18 38.24
N ASP B 323 9.69 -8.34 37.57
CA ASP B 323 10.88 -9.19 37.65
C ASP B 323 12.11 -8.50 37.09
N HIS B 324 11.90 -7.51 36.22
CA HIS B 324 13.01 -6.78 35.62
C HIS B 324 13.24 -5.39 36.25
N GLY B 325 12.64 -5.16 37.41
CA GLY B 325 12.97 -3.99 38.21
C GLY B 325 11.96 -2.86 38.26
N ALA B 326 10.83 -3.01 37.58
CA ALA B 326 9.83 -1.96 37.60
C ALA B 326 9.18 -1.84 38.97
N GLU B 327 8.57 -0.69 39.24
CA GLU B 327 7.87 -0.47 40.50
C GLU B 327 6.38 -0.70 40.36
N LEU B 328 5.82 -1.47 41.29
CA LEU B 328 4.37 -1.61 41.38
C LEU B 328 3.80 -0.44 42.18
N VAL B 329 3.17 0.49 41.46
CA VAL B 329 2.61 1.68 42.06
C VAL B 329 1.24 1.42 42.68
N TYR B 330 0.40 0.67 41.96
CA TYR B 330 -0.94 0.37 42.40
C TYR B 330 -1.46 -0.91 41.77
N GLY B 331 -2.33 -1.63 42.48
CA GLY B 331 -3.01 -2.79 41.93
C GLY B 331 -2.16 -4.04 41.92
N GLY B 332 -2.27 -4.80 40.84
CA GLY B 332 -1.45 -5.98 40.67
C GLY B 332 -1.90 -7.14 41.54
N GLU B 333 -3.14 -7.07 42.01
CA GLU B 333 -3.68 -8.12 42.86
C GLU B 333 -4.77 -8.88 42.14
N ALA B 334 -4.89 -10.17 42.46
CA ALA B 334 -5.85 -11.05 41.80
C ALA B 334 -7.29 -10.65 42.08
N ILE B 335 -8.13 -10.77 41.06
CA ILE B 335 -9.57 -10.67 41.25
C ILE B 335 -10.11 -12.09 41.22
N ASP B 336 -10.78 -12.50 42.28
CA ASP B 336 -11.30 -13.86 42.39
C ASP B 336 -12.70 -13.97 41.74
N HIS B 337 -12.73 -14.47 40.52
CA HIS B 337 -13.97 -14.53 39.76
C HIS B 337 -13.70 -15.38 38.52
N PRO B 338 -14.69 -16.17 38.10
CA PRO B 338 -14.50 -17.03 36.93
C PRO B 338 -14.29 -16.24 35.64
N GLY B 339 -14.75 -14.99 35.59
CA GLY B 339 -14.53 -14.15 34.43
C GLY B 339 -13.07 -13.73 34.28
N HIS B 340 -12.69 -13.25 33.10
CA HIS B 340 -11.28 -12.98 32.83
C HIS B 340 -10.84 -11.61 33.31
N PHE B 341 -11.05 -11.35 34.60
CA PHE B 341 -10.77 -10.03 35.15
C PHE B 341 -9.30 -9.79 35.53
N VAL B 342 -8.81 -8.60 35.18
CA VAL B 342 -7.53 -8.10 35.62
C VAL B 342 -7.80 -6.74 36.24
N MET B 343 -7.33 -6.51 37.47
CA MET B 343 -7.60 -5.24 38.12
C MET B 343 -6.67 -4.16 37.57
N PRO B 344 -7.13 -2.90 37.59
CA PRO B 344 -6.28 -1.79 37.14
C PRO B 344 -4.98 -1.78 37.93
N THR B 345 -3.88 -1.62 37.22
CA THR B 345 -2.57 -1.78 37.79
C THR B 345 -1.68 -0.68 37.22
N ILE B 346 -0.87 -0.06 38.08
CA ILE B 346 0.04 0.97 37.61
C ILE B 346 1.48 0.56 37.87
N ILE B 347 2.33 0.67 36.84
CA ILE B 347 3.74 0.42 37.03
C ILE B 347 4.55 1.64 36.65
N ALA B 348 5.75 1.75 37.23
CA ALA B 348 6.67 2.84 36.90
C ALA B 348 8.10 2.33 36.95
N GLY B 349 9.07 3.22 36.74
CA GLY B 349 10.47 2.84 36.84
C GLY B 349 10.92 1.81 35.81
N LEU B 350 10.31 1.84 34.63
CA LEU B 350 10.77 1.02 33.52
C LEU B 350 12.05 1.61 32.97
N THR B 351 13.05 0.76 32.80
CA THR B 351 14.31 1.16 32.20
C THR B 351 14.40 0.54 30.81
N LYS B 352 15.32 1.04 29.99
CA LYS B 352 15.41 0.58 28.61
C LYS B 352 15.77 -0.90 28.48
N ASP B 353 16.36 -1.50 29.51
CA ASP B 353 16.66 -2.93 29.47
C ASP B 353 15.56 -3.80 30.09
N ASN B 354 14.49 -3.15 30.56
CA ASN B 354 13.28 -3.87 30.95
C ASN B 354 12.47 -4.08 29.68
N PRO B 355 12.15 -5.34 29.34
CA PRO B 355 11.43 -5.61 28.09
C PRO B 355 10.11 -4.85 27.97
N ILE B 356 9.43 -4.66 29.10
CA ILE B 356 8.13 -4.00 29.09
C ILE B 356 8.22 -2.53 28.68
N TYR B 357 9.40 -1.93 28.80
CA TYR B 357 9.63 -0.57 28.29
C TYR B 357 9.17 -0.43 26.84
N TYR B 358 9.30 -1.50 26.06
CA TYR B 358 9.00 -1.46 24.62
C TYR B 358 7.83 -2.36 24.19
N GLN B 359 7.12 -2.93 25.14
CA GLN B 359 6.02 -3.85 24.83
C GLN B 359 4.65 -3.23 25.03
N GLU B 360 3.72 -3.56 24.14
CA GLU B 360 2.32 -3.19 24.29
C GLU B 360 1.63 -4.12 25.28
N ILE B 361 1.00 -3.55 26.30
CA ILE B 361 0.19 -4.32 27.23
C ILE B 361 -1.29 -4.09 26.93
N PHE B 362 -1.95 -5.14 26.44
CA PHE B 362 -3.33 -5.05 25.99
C PHE B 362 -4.28 -5.32 27.15
N GLY B 363 -4.20 -4.48 28.17
CA GLY B 363 -5.01 -4.62 29.35
C GLY B 363 -4.93 -3.35 30.18
N PRO B 364 -5.52 -3.35 31.38
CA PRO B 364 -5.70 -2.15 32.21
C PRO B 364 -4.44 -1.81 33.02
N VAL B 365 -3.33 -1.59 32.33
CA VAL B 365 -2.07 -1.33 33.02
C VAL B 365 -1.50 0.04 32.68
N GLY B 366 -1.57 0.95 33.65
CA GLY B 366 -0.98 2.26 33.51
C GLY B 366 0.52 2.15 33.63
N GLU B 367 1.24 2.94 32.83
CA GLU B 367 2.70 2.97 32.87
C GLU B 367 3.13 4.42 32.93
N ILE B 368 3.96 4.76 33.91
CA ILE B 368 4.38 6.14 34.05
C ILE B 368 5.87 6.26 33.75
N TYR B 369 6.20 7.03 32.72
CA TYR B 369 7.58 7.26 32.29
C TYR B 369 8.01 8.65 32.72
N LYS B 370 9.14 8.71 33.44
CA LYS B 370 9.75 9.95 33.90
C LYS B 370 10.76 10.56 32.94
N VAL B 371 10.58 11.84 32.61
CA VAL B 371 11.56 12.59 31.82
C VAL B 371 11.86 13.97 32.43
N SER B 372 12.97 14.57 32.03
CA SER B 372 13.40 15.84 32.64
C SER B 372 13.20 17.05 31.74
N SER B 373 12.75 16.81 30.51
CA SER B 373 12.51 17.90 29.57
C SER B 373 11.51 17.49 28.50
N GLU B 374 10.99 18.49 27.82
CA GLU B 374 10.10 18.26 26.67
C GLU B 374 10.85 17.54 25.56
N GLU B 375 12.11 17.92 25.37
CA GLU B 375 12.95 17.31 24.35
C GLU B 375 13.11 15.81 24.67
N GLU B 376 13.28 15.49 25.93
CA GLU B 376 13.38 14.09 26.33
C GLU B 376 12.05 13.37 26.18
N ALA B 377 10.96 14.06 26.47
CA ALA B 377 9.63 13.46 26.31
C ALA B 377 9.41 13.04 24.86
N ILE B 378 9.81 13.90 23.92
CA ILE B 378 9.68 13.60 22.49
C ILE B 378 10.56 12.41 22.12
N GLU B 379 11.80 12.40 22.60
CA GLU B 379 12.70 11.28 22.33
C GLU B 379 12.16 9.95 22.86
N VAL B 380 11.61 9.95 24.07
CA VAL B 380 11.05 8.73 24.65
C VAL B 380 9.82 8.28 23.83
N ALA B 381 8.96 9.23 23.50
CA ALA B 381 7.77 8.91 22.70
C ALA B 381 8.13 8.24 21.39
N ASN B 382 9.22 8.70 20.78
CA ASN B 382 9.65 8.19 19.48
C ASN B 382 10.52 6.96 19.55
N ASP B 383 11.01 6.64 20.76
CA ASP B 383 11.79 5.44 20.97
C ASP B 383 10.86 4.27 21.19
N SER B 384 10.25 3.82 20.10
CA SER B 384 9.15 2.87 20.17
C SER B 384 9.12 2.10 18.85
N ASN B 385 8.76 0.82 18.93
CA ASN B 385 8.52 0.03 17.73
C ASN B 385 7.14 0.33 17.17
N TYR B 386 6.37 1.13 17.90
CA TYR B 386 5.01 1.46 17.50
C TYR B 386 4.90 2.93 17.17
N GLY B 387 3.80 3.29 16.51
CA GLY B 387 3.55 4.69 16.18
C GLY B 387 2.15 4.84 15.67
N LEU B 388 1.16 4.56 16.52
CA LEU B 388 -0.22 4.63 16.07
C LEU B 388 -0.89 5.95 16.46
N GLY B 389 -1.07 6.15 17.76
CA GLY B 389 -1.72 7.35 18.24
C GLY B 389 -0.86 8.08 19.25
N GLY B 390 -1.52 8.68 20.25
CA GLY B 390 -0.80 9.41 21.28
C GLY B 390 -1.51 10.71 21.59
N THR B 391 -1.08 11.36 22.67
CA THR B 391 -1.76 12.53 23.18
C THR B 391 -0.73 13.56 23.60
N ILE B 392 -0.98 14.82 23.29
CA ILE B 392 -0.18 15.92 23.84
C ILE B 392 -1.09 16.74 24.75
N PHE B 393 -0.72 16.87 26.02
CA PHE B 393 -1.49 17.69 26.96
C PHE B 393 -0.78 19.01 27.27
N SER B 394 -1.40 20.10 26.85
CA SER B 394 -0.82 21.44 26.99
C SER B 394 -1.91 22.49 26.80
N SER B 395 -2.00 23.46 27.71
CA SER B 395 -3.04 24.48 27.61
C SER B 395 -2.89 25.32 26.33
N ASN B 396 -1.66 25.44 25.86
CA ASN B 396 -1.34 26.16 24.63
C ASN B 396 -1.48 25.23 23.44
N GLN B 397 -2.60 25.33 22.73
CA GLN B 397 -2.89 24.39 21.65
C GLN B 397 -1.90 24.50 20.50
N GLU B 398 -1.41 25.70 20.22
CA GLU B 398 -0.40 25.85 19.18
C GLU B 398 0.90 25.17 19.59
N HIS B 399 1.23 25.23 20.87
CA HIS B 399 2.39 24.49 21.35
C HIS B 399 2.14 23.00 21.23
N ALA B 400 0.94 22.55 21.58
CA ALA B 400 0.61 21.13 21.51
C ALA B 400 0.72 20.65 20.06
N LYS B 401 0.24 21.46 19.13
CA LYS B 401 0.32 21.13 17.71
C LYS B 401 1.78 21.03 17.26
N ALA B 402 2.62 21.93 17.73
CA ALA B 402 4.04 21.94 17.38
C ALA B 402 4.74 20.70 17.89
N VAL B 403 4.44 20.31 19.12
CA VAL B 403 5.05 19.12 19.71
C VAL B 403 4.52 17.85 19.01
N ALA B 404 3.21 17.82 18.74
CA ALA B 404 2.62 16.68 18.06
C ALA B 404 3.34 16.38 16.74
N ALA B 405 3.68 17.43 15.99
CA ALA B 405 4.32 17.24 14.69
C ALA B 405 5.66 16.50 14.82
N LYS B 406 6.29 16.62 15.99
CA LYS B 406 7.58 16.01 16.25
C LYS B 406 7.49 14.54 16.68
N ILE B 407 6.28 14.07 16.96
CA ILE B 407 6.11 12.67 17.36
C ILE B 407 6.00 11.76 16.14
N GLU B 408 6.80 10.69 16.12
CA GLU B 408 6.71 9.71 15.06
C GLU B 408 5.52 8.78 15.34
N THR B 409 4.38 9.15 14.79
CA THR B 409 3.14 8.43 15.00
C THR B 409 2.12 8.88 13.96
N GLY B 410 1.07 8.10 13.75
CA GLY B 410 0.10 8.41 12.72
C GLY B 410 -1.00 9.36 13.18
N MET B 411 -1.18 9.46 14.50
CA MET B 411 -2.27 10.29 15.02
C MET B 411 -1.86 10.93 16.34
N SER B 412 -2.24 12.20 16.51
CA SER B 412 -2.01 12.90 17.76
C SER B 412 -3.29 13.56 18.24
N PHE B 413 -3.67 13.25 19.47
CA PHE B 413 -4.89 13.79 20.04
C PHE B 413 -4.52 14.84 21.07
N ILE B 414 -5.04 16.04 20.89
CA ILE B 414 -4.65 17.16 21.75
C ILE B 414 -5.59 17.29 22.93
N ASN B 415 -5.03 17.32 24.14
CA ASN B 415 -5.81 17.47 25.37
C ASN B 415 -6.98 16.47 25.53
N SER B 416 -6.75 15.25 25.07
CA SER B 416 -7.80 14.24 25.01
C SER B 416 -7.16 12.89 24.72
N GLY B 417 -7.87 11.81 25.04
CA GLY B 417 -7.45 10.48 24.63
C GLY B 417 -7.89 10.26 23.19
N TRP B 418 -7.77 9.04 22.70
CA TRP B 418 -8.11 8.77 21.30
C TRP B 418 -9.58 8.99 21.02
N THR B 419 -9.87 9.27 19.76
CA THR B 419 -11.23 9.13 19.27
C THR B 419 -11.16 8.70 17.83
N SER B 420 -12.32 8.41 17.27
CA SER B 420 -12.44 8.08 15.85
C SER B 420 -13.74 8.68 15.33
N LEU B 421 -13.68 9.25 14.13
CA LEU B 421 -14.85 9.78 13.46
C LEU B 421 -14.71 9.42 12.00
N PRO B 422 -15.84 9.31 11.28
CA PRO B 422 -15.79 8.89 9.88
C PRO B 422 -14.88 9.78 9.03
N GLU B 423 -14.81 11.06 9.36
CA GLU B 423 -14.09 12.03 8.55
C GLU B 423 -12.60 12.12 8.87
N LEU B 424 -12.15 11.36 9.88
CA LEU B 424 -10.73 11.43 10.28
C LEU B 424 -9.97 10.16 9.92
N PRO B 425 -8.83 10.31 9.22
CA PRO B 425 -8.03 9.14 8.85
C PRO B 425 -7.39 8.48 10.07
N PHE B 426 -7.33 7.16 10.04
CA PHE B 426 -6.87 6.37 11.18
C PHE B 426 -5.82 5.39 10.70
N GLY B 427 -4.63 5.44 11.29
CA GLY B 427 -3.60 4.48 10.95
C GLY B 427 -2.26 4.88 11.53
N GLY B 428 -1.26 4.01 11.36
CA GLY B 428 0.01 4.23 12.02
C GLY B 428 1.25 4.09 11.15
N ILE B 429 2.39 3.96 11.82
CA ILE B 429 3.67 3.70 11.18
C ILE B 429 4.40 2.62 11.98
N LYS B 430 5.61 2.26 11.56
CA LYS B 430 6.41 1.25 12.24
C LYS B 430 5.61 -0.04 12.42
N HIS B 431 5.67 -0.65 13.60
CA HIS B 431 4.93 -1.90 13.81
C HIS B 431 3.42 -1.69 14.02
N SER B 432 2.95 -0.44 13.92
CA SER B 432 1.52 -0.17 14.02
C SER B 432 0.86 -0.33 12.66
N GLY B 433 1.68 -0.53 11.62
CA GLY B 433 1.16 -0.86 10.31
C GLY B 433 1.38 0.22 9.27
N TYR B 434 0.51 0.23 8.26
CA TYR B 434 0.59 1.17 7.15
C TYR B 434 -0.74 1.24 6.42
N GLY B 435 -0.97 2.32 5.70
CA GLY B 435 -2.27 2.59 5.11
C GLY B 435 -3.14 3.34 6.09
N ARG B 436 -4.26 3.86 5.60
CA ARG B 436 -5.19 4.60 6.42
C ARG B 436 -6.61 4.11 6.19
N GLU B 437 -7.40 4.07 7.27
CA GLU B 437 -8.82 3.80 7.16
C GLU B 437 -9.62 5.01 7.61
N LEU B 438 -10.86 5.10 7.13
CA LEU B 438 -11.72 6.27 7.33
C LEU B 438 -11.24 7.50 6.57
N SER B 439 -12.09 8.54 6.57
CA SER B 439 -11.90 9.72 5.71
C SER B 439 -11.84 9.31 4.24
N GLU B 440 -11.49 10.26 3.37
CA GLU B 440 -11.36 9.93 1.95
C GLU B 440 -10.10 9.08 1.72
N LEU B 441 -9.12 9.21 2.61
CA LEU B 441 -7.92 8.39 2.50
C LEU B 441 -8.26 6.91 2.57
N GLY B 442 -9.25 6.57 3.40
CA GLY B 442 -9.64 5.18 3.56
C GLY B 442 -10.62 4.72 2.50
N PHE B 443 -10.88 5.56 1.51
CA PHE B 443 -11.79 5.16 0.43
C PHE B 443 -11.03 4.52 -0.73
N THR B 444 -9.78 4.91 -0.91
CA THR B 444 -9.07 4.53 -2.13
C THR B 444 -8.08 3.37 -2.01
N SER B 445 -7.99 2.73 -0.85
CA SER B 445 -7.00 1.67 -0.68
C SER B 445 -7.03 0.57 -1.74
N PHE B 446 -8.24 0.15 -2.13
CA PHE B 446 -8.39 -0.95 -3.08
C PHE B 446 -9.15 -0.52 -4.33
N VAL B 447 -8.94 0.75 -4.68
CA VAL B 447 -9.47 1.33 -5.89
C VAL B 447 -8.39 1.31 -6.97
N ASN B 448 -8.81 1.06 -8.21
CA ASN B 448 -7.94 1.20 -9.37
C ASN B 448 -7.98 2.65 -9.81
N GLU B 449 -6.89 3.37 -9.59
CA GLU B 449 -6.75 4.72 -10.09
C GLU B 449 -6.33 4.59 -11.55
N HIS B 450 -7.30 4.75 -12.44
CA HIS B 450 -7.16 4.33 -13.83
C HIS B 450 -6.99 5.56 -14.72
N LEU B 451 -5.76 5.76 -15.20
CA LEU B 451 -5.45 6.87 -16.08
C LEU B 451 -6.02 6.69 -17.48
N ILE B 452 -6.65 7.74 -18.00
CA ILE B 452 -6.96 7.82 -19.42
C ILE B 452 -6.19 9.01 -19.96
N TYR B 453 -5.33 8.78 -20.96
CA TYR B 453 -4.53 9.85 -21.53
C TYR B 453 -4.77 9.97 -23.03
N ILE B 454 -5.12 11.18 -23.46
CA ILE B 454 -5.34 11.49 -24.88
C ILE B 454 -4.36 12.56 -25.32
N PRO B 455 -3.26 12.16 -25.98
CA PRO B 455 -2.27 13.15 -26.41
C PRO B 455 -2.80 14.04 -27.53
N ASN B 456 -2.35 15.28 -27.58
CA ASN B 456 -2.74 16.19 -28.65
C ASN B 456 -2.17 15.76 -29.99
#